data_6GPX
#
_entry.id   6GPX
#
_cell.length_a   54.570
_cell.length_b   64.550
_cell.length_c   131.200
_cell.angle_alpha   90.00
_cell.angle_beta   91.19
_cell.angle_gamma   90.00
#
_symmetry.space_group_name_H-M   'P 1 21 1'
#
loop_
_entity.id
_entity.type
_entity.pdbx_description
1 polymer 'C-C chemokine receptor type 2,Rubredoxin,C-C chemokine receptor type 2'
2 non-polymer 'ZINC ION'
3 non-polymer 'OLEIC ACID'
4 non-polymer [(3~{S},4~{S})-3-methoxyoxan-4-yl]-[(1~{R},3~{S})-3-propan-2-yl-3-[[3-(trifluoromethyl)-7,8-dihydro-5~{H}-1,6-naphthyridin-6-yl]carbonyl]cyclopentyl]azanium
5 water water
#
_entity_poly.entity_id   1
_entity_poly.type   'polypeptide(L)'
_entity_poly.pdbx_seq_one_letter_code
;GAPCHKFDVKQIGAQLLPPLYSLVFIFGFVGNMLVVLILINYKKLKCLTDIYLLNLAISDLLFLITLPLWAHSAANEWVF
GNAMCKLFTGLYHIGYFGGIFFIILLTIDRYLAIVHAVFALKARTVTFGVVTSVITWLVAVFASVPNIIFTKCQKEDSVY
VCGPYFPRGWNNFHTIMRNILGLVLPLLIMVICYSGILKTLLRMKKYTCTVCGYIYNPEDGDPDNGVNPGTDFKDIPDDW
VCPLCGVGKDQFEEVEEEKKRHRDVRVIFTIMIVYFLFWTPYNIVILLNTFQEFFGLSNCESTSQLDQATQVTETLGMTH
CCINPIIYAFVGEKFRSLFHIALGEVLFQ
;
_entity_poly.pdbx_strand_id   A,B
#
loop_
_chem_comp.id
_chem_comp.type
_chem_comp.name
_chem_comp.formula
F7N non-polymer [(3~{S},4~{S})-3-methoxyoxan-4-yl]-[(1~{R},3~{S})-3-propan-2-yl-3-[[3-(trifluoromethyl)-7,8-dihydro-5~{H}-1,6-naphthyridin-6-yl]carbonyl]cyclopentyl]azanium 'C24 H35 F3 N3 O3 1'
OLA non-polymer 'OLEIC ACID' 'C18 H34 O2'
ZN non-polymer 'ZINC ION' 'Zn 2'
#
# COMPACT_ATOMS: atom_id res chain seq x y z
N ASP A 8 -4.52 5.87 31.01
CA ASP A 8 -3.47 6.84 30.72
C ASP A 8 -2.47 6.26 29.73
N VAL A 9 -1.99 7.08 28.78
CA VAL A 9 -1.00 6.65 27.78
C VAL A 9 0.37 6.34 28.41
N LYS A 10 0.77 7.13 29.43
CA LYS A 10 2.04 6.95 30.15
C LYS A 10 2.06 5.64 30.96
N GLN A 11 0.91 5.27 31.55
CA GLN A 11 0.78 4.04 32.34
C GLN A 11 0.84 2.80 31.45
N ILE A 12 0.24 2.86 30.25
CA ILE A 12 0.29 1.76 29.27
C ILE A 12 1.74 1.62 28.77
N GLY A 13 2.43 2.75 28.60
CA GLY A 13 3.82 2.80 28.18
C GLY A 13 4.77 2.10 29.12
N ALA A 14 4.67 2.41 30.43
CA ALA A 14 5.52 1.81 31.47
C ALA A 14 5.30 0.30 31.66
N GLN A 15 4.12 -0.23 31.26
CA GLN A 15 3.78 -1.65 31.37
C GLN A 15 4.10 -2.42 30.10
N LEU A 16 3.72 -1.86 28.92
CA LEU A 16 3.90 -2.50 27.60
C LEU A 16 5.29 -2.43 27.00
N LEU A 17 5.93 -1.24 27.01
CA LEU A 17 7.20 -1.02 26.32
C LEU A 17 8.38 -1.81 26.87
N PRO A 18 8.65 -1.84 28.19
CA PRO A 18 9.80 -2.62 28.68
C PRO A 18 9.84 -4.07 28.17
N PRO A 19 8.77 -4.91 28.30
CA PRO A 19 8.83 -6.25 27.71
C PRO A 19 8.82 -6.29 26.18
N LEU A 20 8.04 -5.40 25.53
CA LEU A 20 7.96 -5.35 24.06
C LEU A 20 9.33 -5.03 23.45
N TYR A 21 9.97 -3.95 23.92
CA TYR A 21 11.29 -3.54 23.42
C TYR A 21 12.40 -4.53 23.78
N SER A 22 12.27 -5.29 24.89
CA SER A 22 13.26 -6.32 25.27
C SER A 22 13.14 -7.53 24.33
N LEU A 23 11.91 -7.90 23.95
CA LEU A 23 11.67 -9.00 23.01
C LEU A 23 12.15 -8.62 21.61
N VAL A 24 11.79 -7.42 21.12
CA VAL A 24 12.24 -6.92 19.82
C VAL A 24 13.77 -6.86 19.80
N PHE A 25 14.39 -6.39 20.90
CA PHE A 25 15.85 -6.35 21.00
C PHE A 25 16.44 -7.75 20.85
N ILE A 26 15.95 -8.73 21.65
CA ILE A 26 16.46 -10.11 21.60
C ILE A 26 16.22 -10.72 20.21
N PHE A 27 14.94 -10.88 19.78
CA PHE A 27 14.59 -11.44 18.45
C PHE A 27 15.32 -10.74 17.30
N GLY A 28 15.37 -9.41 17.37
CA GLY A 28 16.05 -8.60 16.36
C GLY A 28 17.56 -8.78 16.36
N PHE A 29 18.17 -8.91 17.55
CA PHE A 29 19.62 -9.12 17.66
C PHE A 29 20.00 -10.49 17.09
N VAL A 30 19.32 -11.58 17.52
CA VAL A 30 19.64 -12.94 17.00
C VAL A 30 19.44 -12.95 15.48
N GLY A 31 18.25 -12.54 15.04
CA GLY A 31 17.87 -12.49 13.64
C GLY A 31 18.83 -11.74 12.74
N ASN A 32 19.12 -10.46 13.07
CA ASN A 32 20.03 -9.65 12.26
C ASN A 32 21.49 -10.07 12.39
N MET A 33 21.92 -10.61 13.55
CA MET A 33 23.30 -11.07 13.71
C MET A 33 23.51 -12.38 12.91
N LEU A 34 22.44 -13.16 12.67
CA LEU A 34 22.49 -14.37 11.84
C LEU A 34 22.67 -13.95 10.37
N VAL A 35 21.94 -12.90 9.93
CA VAL A 35 22.02 -12.37 8.56
C VAL A 35 23.43 -11.85 8.29
N VAL A 36 24.00 -11.06 9.23
CA VAL A 36 25.35 -10.50 9.11
C VAL A 36 26.38 -11.60 8.87
N LEU A 37 26.43 -12.61 9.74
CA LEU A 37 27.41 -13.69 9.64
C LEU A 37 27.05 -14.76 8.59
N ILE A 38 25.80 -14.79 8.06
CA ILE A 38 25.44 -15.68 6.94
C ILE A 38 26.05 -15.04 5.68
N LEU A 39 25.85 -13.73 5.51
CA LEU A 39 26.36 -12.98 4.37
C LEU A 39 27.88 -12.93 4.33
N ILE A 40 28.54 -12.76 5.49
CA ILE A 40 30.00 -12.71 5.57
C ILE A 40 30.63 -14.08 5.31
N ASN A 41 30.14 -15.16 5.95
CA ASN A 41 30.74 -16.49 5.81
C ASN A 41 30.26 -17.31 4.62
N TYR A 42 28.94 -17.49 4.44
CA TYR A 42 28.41 -18.33 3.35
C TYR A 42 28.36 -17.64 1.99
N LYS A 43 27.73 -16.46 1.89
CA LYS A 43 27.67 -15.74 0.61
C LYS A 43 29.02 -15.09 0.26
N LYS A 44 29.86 -14.81 1.28
CA LYS A 44 31.21 -14.23 1.14
C LYS A 44 31.24 -12.83 0.48
N LEU A 45 30.12 -12.08 0.52
CA LEU A 45 30.01 -10.71 -0.01
C LEU A 45 30.58 -10.55 -1.43
N LYS A 46 30.25 -11.50 -2.32
CA LYS A 46 30.74 -11.49 -3.70
C LYS A 46 29.83 -10.59 -4.54
N CYS A 47 28.50 -10.67 -4.33
CA CYS A 47 27.52 -9.89 -5.07
C CYS A 47 27.28 -8.52 -4.42
N LEU A 48 26.64 -7.61 -5.17
CA LEU A 48 26.32 -6.26 -4.71
C LEU A 48 25.11 -6.28 -3.78
N THR A 49 24.16 -7.20 -4.02
CA THR A 49 22.97 -7.39 -3.19
C THR A 49 23.37 -7.82 -1.77
N ASP A 50 24.42 -8.66 -1.65
CA ASP A 50 24.92 -9.14 -0.35
C ASP A 50 25.54 -8.00 0.47
N ILE A 51 26.22 -7.06 -0.21
CA ILE A 51 26.87 -5.91 0.44
C ILE A 51 25.81 -4.97 1.03
N TYR A 52 24.69 -4.73 0.32
CA TYR A 52 23.61 -3.87 0.82
C TYR A 52 22.76 -4.56 1.88
N LEU A 53 22.55 -5.89 1.78
CA LEU A 53 21.81 -6.64 2.80
C LEU A 53 22.62 -6.66 4.10
N LEU A 54 23.97 -6.71 4.01
CA LEU A 54 24.83 -6.64 5.20
C LEU A 54 24.66 -5.27 5.86
N ASN A 55 24.73 -4.18 5.06
CA ASN A 55 24.57 -2.81 5.56
C ASN A 55 23.16 -2.55 6.09
N LEU A 56 22.14 -3.21 5.51
CA LEU A 56 20.77 -3.12 6.00
C LEU A 56 20.68 -3.82 7.36
N ALA A 57 21.36 -4.97 7.53
CA ALA A 57 21.37 -5.70 8.80
C ALA A 57 22.12 -4.89 9.87
N ILE A 58 23.21 -4.19 9.48
CA ILE A 58 23.97 -3.32 10.39
C ILE A 58 23.07 -2.15 10.84
N SER A 59 22.28 -1.57 9.91
CA SER A 59 21.35 -0.47 10.22
C SER A 59 20.35 -0.89 11.29
N ASP A 60 19.74 -2.07 11.11
CA ASP A 60 18.80 -2.63 12.07
C ASP A 60 19.48 -2.87 13.42
N LEU A 61 20.73 -3.38 13.41
CA LEU A 61 21.49 -3.61 14.64
C LEU A 61 21.80 -2.30 15.37
N LEU A 62 22.16 -1.22 14.63
CA LEU A 62 22.42 0.09 15.25
C LEU A 62 21.14 0.64 15.89
N PHE A 63 19.96 0.32 15.32
CA PHE A 63 18.68 0.74 15.87
C PHE A 63 18.35 -0.09 17.11
N LEU A 64 18.50 -1.44 16.99
CA LEU A 64 18.22 -2.41 18.06
C LEU A 64 18.98 -2.15 19.34
N ILE A 65 20.28 -1.83 19.25
CA ILE A 65 21.10 -1.60 20.46
C ILE A 65 20.63 -0.41 21.31
N THR A 66 19.71 0.45 20.79
CA THR A 66 19.15 1.57 21.55
C THR A 66 17.91 1.16 22.35
N LEU A 67 17.21 0.07 21.94
CA LEU A 67 15.99 -0.39 22.62
C LEU A 67 16.16 -0.66 24.13
N PRO A 68 17.26 -1.27 24.62
CA PRO A 68 17.41 -1.45 26.07
C PRO A 68 17.33 -0.15 26.87
N LEU A 69 17.87 0.96 26.33
CA LEU A 69 17.79 2.25 27.01
C LEU A 69 16.39 2.85 26.94
N TRP A 70 15.69 2.66 25.81
CA TRP A 70 14.32 3.15 25.67
C TRP A 70 13.38 2.31 26.53
N ALA A 71 13.68 1.00 26.69
CA ALA A 71 12.90 0.08 27.53
C ALA A 71 12.96 0.54 28.99
N HIS A 72 14.17 0.93 29.46
CA HIS A 72 14.38 1.45 30.82
C HIS A 72 13.62 2.77 31.04
N SER A 73 13.75 3.69 30.08
CA SER A 73 13.12 5.02 30.11
C SER A 73 11.58 5.01 30.07
N ALA A 74 10.96 3.90 29.61
CA ALA A 74 9.50 3.79 29.59
C ALA A 74 8.95 3.71 31.02
N ALA A 75 9.64 2.93 31.88
CA ALA A 75 9.26 2.70 33.29
C ALA A 75 9.97 3.62 34.31
N ASN A 76 11.22 4.01 34.03
CA ASN A 76 12.05 4.86 34.90
C ASN A 76 12.38 6.21 34.19
N GLU A 77 13.10 7.11 34.87
CA GLU A 77 13.48 8.41 34.28
C GLU A 77 14.66 8.18 33.33
N TRP A 78 15.19 9.25 32.72
CA TRP A 78 16.42 9.17 31.92
C TRP A 78 17.58 9.33 32.92
N VAL A 79 18.23 8.21 33.27
CA VAL A 79 19.33 8.19 34.24
C VAL A 79 20.72 8.12 33.59
N PHE A 80 20.80 8.11 32.24
CA PHE A 80 22.07 7.94 31.53
C PHE A 80 22.80 9.26 31.15
N GLY A 81 22.22 10.40 31.46
CA GLY A 81 22.86 11.69 31.19
C GLY A 81 22.60 12.25 29.81
N ASN A 82 23.10 13.47 29.56
CA ASN A 82 22.92 14.17 28.30
C ASN A 82 23.71 13.56 27.14
N ALA A 83 24.95 13.10 27.39
CA ALA A 83 25.79 12.51 26.33
C ALA A 83 25.18 11.20 25.80
N MET A 84 24.68 10.33 26.70
CA MET A 84 24.04 9.08 26.31
C MET A 84 22.72 9.35 25.61
N CYS A 85 22.03 10.43 25.98
CA CYS A 85 20.78 10.83 25.33
C CYS A 85 21.07 11.17 23.85
N LYS A 86 22.14 11.93 23.60
CA LYS A 86 22.55 12.33 22.24
C LYS A 86 23.14 11.15 21.44
N LEU A 87 23.98 10.32 22.07
CA LEU A 87 24.59 9.14 21.43
C LEU A 87 23.52 8.17 20.95
N PHE A 88 22.56 7.84 21.83
CA PHE A 88 21.50 6.89 21.52
C PHE A 88 20.45 7.47 20.57
N THR A 89 20.33 8.82 20.50
CA THR A 89 19.45 9.47 19.53
C THR A 89 20.13 9.37 18.16
N GLY A 90 21.45 9.52 18.13
CA GLY A 90 22.23 9.39 16.91
C GLY A 90 22.16 8.00 16.34
N LEU A 91 22.35 6.96 17.20
CA LEU A 91 22.27 5.56 16.78
C LEU A 91 20.87 5.19 16.26
N TYR A 92 19.82 5.76 16.89
CA TYR A 92 18.42 5.58 16.48
C TYR A 92 18.24 6.10 15.05
N HIS A 93 18.67 7.33 14.78
CA HIS A 93 18.49 7.95 13.46
C HIS A 93 19.44 7.39 12.40
N ILE A 94 20.71 7.07 12.74
CA ILE A 94 21.66 6.46 11.81
C ILE A 94 21.09 5.09 11.38
N GLY A 95 20.56 4.34 12.35
CA GLY A 95 19.91 3.07 12.09
C GLY A 95 18.65 3.23 11.26
N TYR A 96 17.81 4.24 11.59
CA TYR A 96 16.58 4.53 10.84
C TYR A 96 16.87 4.90 9.39
N PHE A 97 17.67 5.97 9.17
CA PHE A 97 18.00 6.45 7.81
C PHE A 97 18.81 5.46 7.02
N GLY A 98 19.78 4.82 7.68
CA GLY A 98 20.59 3.77 7.07
C GLY A 98 19.71 2.64 6.56
N GLY A 99 18.76 2.22 7.39
CA GLY A 99 17.80 1.18 7.03
C GLY A 99 17.04 1.49 5.75
N ILE A 100 16.36 2.63 5.68
CA ILE A 100 15.59 2.99 4.48
C ILE A 100 16.49 3.27 3.26
N PHE A 101 17.66 3.93 3.44
CA PHE A 101 18.57 4.16 2.31
C PHE A 101 19.15 2.87 1.73
N PHE A 102 19.40 1.86 2.59
CA PHE A 102 19.91 0.58 2.09
C PHE A 102 18.81 -0.25 1.44
N ILE A 103 17.52 0.00 1.77
CA ILE A 103 16.39 -0.64 1.09
C ILE A 103 16.26 0.04 -0.30
N ILE A 104 16.44 1.40 -0.36
CA ILE A 104 16.42 2.15 -1.62
C ILE A 104 17.50 1.61 -2.60
N LEU A 105 18.74 1.37 -2.13
CA LEU A 105 19.81 0.86 -2.99
C LEU A 105 19.54 -0.55 -3.48
N LEU A 106 18.88 -1.39 -2.65
CA LEU A 106 18.53 -2.74 -3.08
C LEU A 106 17.47 -2.69 -4.18
N THR A 107 16.51 -1.75 -4.08
CA THR A 107 15.46 -1.57 -5.09
C THR A 107 16.04 -0.98 -6.39
N ILE A 108 17.08 -0.13 -6.30
CA ILE A 108 17.75 0.44 -7.47
C ILE A 108 18.60 -0.67 -8.15
N ASP A 109 19.31 -1.49 -7.34
CA ASP A 109 20.15 -2.60 -7.84
C ASP A 109 19.30 -3.60 -8.64
N ARG A 110 18.10 -3.96 -8.14
CA ARG A 110 17.20 -4.87 -8.86
C ARG A 110 16.68 -4.20 -10.12
N TYR A 111 16.40 -2.88 -10.07
CA TYR A 111 15.95 -2.11 -11.23
C TYR A 111 17.02 -2.09 -12.34
N LEU A 112 18.29 -1.81 -11.99
CA LEU A 112 19.40 -1.77 -12.96
C LEU A 112 19.67 -3.16 -13.56
N ALA A 113 19.62 -4.22 -12.74
CA ALA A 113 19.84 -5.60 -13.19
C ALA A 113 18.73 -6.10 -14.14
N ILE A 114 17.47 -5.80 -13.84
CA ILE A 114 16.33 -6.24 -14.63
C ILE A 114 16.06 -5.31 -15.83
N VAL A 115 15.90 -4.00 -15.59
CA VAL A 115 15.51 -3.06 -16.63
C VAL A 115 16.65 -2.68 -17.58
N HIS A 116 17.85 -2.41 -17.06
CA HIS A 116 19.00 -1.97 -17.87
C HIS A 116 20.06 -3.05 -18.06
N THR A 125 32.48 -6.41 -8.35
CA THR A 125 31.85 -5.11 -8.11
C THR A 125 31.78 -4.78 -6.60
N VAL A 126 32.85 -5.10 -5.85
CA VAL A 126 32.95 -4.85 -4.40
C VAL A 126 33.27 -3.36 -4.16
N THR A 127 34.23 -2.79 -4.92
CA THR A 127 34.60 -1.36 -4.87
C THR A 127 33.34 -0.48 -5.10
N PHE A 128 32.39 -0.92 -5.94
CA PHE A 128 31.13 -0.20 -6.15
C PHE A 128 30.30 -0.25 -4.87
N GLY A 129 30.17 -1.44 -4.30
CA GLY A 129 29.42 -1.68 -3.07
C GLY A 129 29.97 -0.92 -1.88
N VAL A 130 31.31 -0.93 -1.71
CA VAL A 130 31.98 -0.23 -0.61
C VAL A 130 31.80 1.29 -0.73
N VAL A 131 31.97 1.84 -1.94
CA VAL A 131 31.83 3.29 -2.18
C VAL A 131 30.40 3.75 -1.95
N THR A 132 29.42 3.09 -2.59
CA THR A 132 28.01 3.45 -2.42
C THR A 132 27.52 3.23 -1.00
N SER A 133 28.02 2.19 -0.30
CA SER A 133 27.61 1.94 1.09
C SER A 133 28.17 3.00 2.03
N VAL A 134 29.47 3.31 1.90
CA VAL A 134 30.10 4.32 2.76
C VAL A 134 29.51 5.71 2.49
N ILE A 135 29.20 6.05 1.22
CA ILE A 135 28.55 7.33 0.91
C ILE A 135 27.16 7.35 1.54
N THR A 136 26.43 6.23 1.48
CA THR A 136 25.08 6.12 2.07
C THR A 136 25.14 6.26 3.59
N TRP A 137 26.15 5.66 4.27
CA TRP A 137 26.32 5.83 5.72
C TRP A 137 26.57 7.30 6.04
N LEU A 138 27.36 7.98 5.21
CA LEU A 138 27.63 9.42 5.34
C LEU A 138 26.33 10.23 5.33
N VAL A 139 25.43 9.96 4.36
CA VAL A 139 24.15 10.67 4.26
C VAL A 139 23.27 10.32 5.48
N ALA A 140 23.31 9.06 5.97
CA ALA A 140 22.55 8.64 7.15
C ALA A 140 23.05 9.34 8.42
N VAL A 141 24.38 9.56 8.53
CA VAL A 141 24.98 10.29 9.65
C VAL A 141 24.59 11.77 9.56
N PHE A 142 24.67 12.38 8.35
CA PHE A 142 24.31 13.79 8.12
C PHE A 142 22.85 14.06 8.47
N ALA A 143 21.94 13.18 8.02
CA ALA A 143 20.50 13.30 8.30
C ALA A 143 20.18 13.23 9.80
N SER A 144 21.04 12.57 10.59
CA SER A 144 20.85 12.41 12.04
C SER A 144 21.38 13.57 12.90
N VAL A 145 22.24 14.46 12.34
CA VAL A 145 22.84 15.58 13.09
C VAL A 145 21.78 16.48 13.76
N PRO A 146 20.75 17.00 13.06
CA PRO A 146 19.72 17.83 13.73
C PRO A 146 19.16 17.21 15.01
N ASN A 147 18.79 15.92 14.95
CA ASN A 147 18.26 15.21 16.12
C ASN A 147 19.32 15.08 17.23
N ILE A 148 20.60 14.85 16.88
CA ILE A 148 21.67 14.78 17.87
C ILE A 148 21.84 16.18 18.52
N ILE A 149 21.67 17.28 17.75
CA ILE A 149 21.80 18.65 18.29
C ILE A 149 20.67 18.97 19.27
N PHE A 150 19.42 18.90 18.81
CA PHE A 150 18.25 19.33 19.58
C PHE A 150 17.69 18.33 20.60
N THR A 151 18.15 17.07 20.62
CA THR A 151 17.67 16.11 21.63
C THR A 151 18.61 16.20 22.85
N LYS A 152 18.04 16.32 24.06
CA LYS A 152 18.83 16.45 25.28
C LYS A 152 18.10 15.92 26.51
N CYS A 153 18.85 15.66 27.58
CA CYS A 153 18.25 15.26 28.85
C CYS A 153 17.79 16.54 29.54
N GLN A 154 16.49 16.67 29.80
CA GLN A 154 15.92 17.86 30.43
C GLN A 154 14.83 17.52 31.43
N LYS A 155 14.68 18.37 32.48
CA LYS A 155 13.64 18.22 33.50
C LYS A 155 12.30 18.61 32.88
N GLU A 156 11.38 17.65 32.77
CA GLU A 156 10.06 17.84 32.21
C GLU A 156 9.11 17.65 33.37
N ASP A 157 8.82 18.75 34.07
CA ASP A 157 7.96 18.79 35.25
C ASP A 157 8.63 18.07 36.45
N SER A 158 8.19 16.85 36.83
CA SER A 158 8.72 16.13 37.99
C SER A 158 9.71 15.05 37.64
N VAL A 159 10.00 14.88 36.35
CA VAL A 159 10.81 13.79 35.89
C VAL A 159 11.79 14.21 34.82
N TYR A 160 12.91 13.49 34.73
CA TYR A 160 13.92 13.76 33.70
C TYR A 160 13.60 12.96 32.47
N VAL A 161 13.66 13.62 31.29
CA VAL A 161 13.36 12.95 30.04
C VAL A 161 14.39 13.28 28.98
N CYS A 162 14.72 12.29 28.18
CA CYS A 162 15.57 12.46 27.01
C CYS A 162 14.56 12.63 25.87
N GLY A 163 14.46 13.83 25.34
CA GLY A 163 13.51 14.15 24.27
C GLY A 163 13.93 15.33 23.42
N PRO A 164 13.16 15.61 22.33
CA PRO A 164 13.54 16.71 21.44
C PRO A 164 13.12 18.09 21.91
N TYR A 165 14.00 19.09 21.73
CA TYR A 165 13.75 20.49 22.10
C TYR A 165 14.09 21.35 20.88
N PHE A 166 13.36 21.12 19.78
CA PHE A 166 13.54 21.82 18.53
C PHE A 166 12.84 23.16 18.57
N PRO A 167 13.52 24.29 18.23
CA PRO A 167 12.77 25.55 18.05
C PRO A 167 11.72 25.37 16.94
N ARG A 168 10.58 26.10 16.99
CA ARG A 168 9.48 25.96 16.00
C ARG A 168 9.94 25.77 14.56
N GLY A 169 10.86 26.63 14.08
CA GLY A 169 11.39 26.55 12.72
C GLY A 169 12.02 25.20 12.43
N TRP A 170 12.84 24.71 13.38
CA TRP A 170 13.49 23.41 13.26
C TRP A 170 12.50 22.26 13.31
N ASN A 171 11.41 22.39 14.08
CA ASN A 171 10.41 21.34 14.18
C ASN A 171 9.69 21.16 12.84
N ASN A 172 9.44 22.26 12.11
CA ASN A 172 8.82 22.25 10.78
C ASN A 172 9.79 21.63 9.78
N PHE A 173 11.10 21.94 9.93
CA PHE A 173 12.15 21.39 9.08
C PHE A 173 12.31 19.89 9.32
N HIS A 174 12.52 19.50 10.58
CA HIS A 174 12.68 18.09 10.96
C HIS A 174 11.54 17.22 10.41
N THR A 175 10.29 17.66 10.61
CA THR A 175 9.11 16.94 10.16
C THR A 175 9.06 16.78 8.65
N ILE A 176 9.23 17.88 7.89
CA ILE A 176 9.17 17.80 6.42
C ILE A 176 10.38 17.05 5.86
N MET A 177 11.57 17.19 6.47
CA MET A 177 12.76 16.46 5.99
C MET A 177 12.66 14.96 6.30
N ARG A 178 12.03 14.60 7.42
CA ARG A 178 11.82 13.19 7.78
C ARG A 178 10.82 12.56 6.80
N ASN A 179 9.74 13.30 6.45
CA ASN A 179 8.75 12.83 5.48
C ASN A 179 9.31 12.77 4.06
N ILE A 180 10.27 13.66 3.70
CA ILE A 180 10.89 13.62 2.37
C ILE A 180 11.78 12.38 2.25
N LEU A 181 12.71 12.20 3.19
CA LEU A 181 13.66 11.08 3.18
C LEU A 181 13.06 9.73 3.57
N GLY A 182 12.04 9.74 4.43
CA GLY A 182 11.40 8.53 4.92
C GLY A 182 10.14 8.08 4.21
N LEU A 183 9.44 8.98 3.48
CA LEU A 183 8.19 8.62 2.80
C LEU A 183 8.13 9.01 1.32
N VAL A 184 8.41 10.29 0.97
CA VAL A 184 8.32 10.73 -0.43
C VAL A 184 9.39 10.09 -1.30
N LEU A 185 10.68 10.20 -0.90
CA LEU A 185 11.80 9.63 -1.67
C LEU A 185 11.66 8.12 -1.88
N PRO A 186 11.50 7.27 -0.83
CA PRO A 186 11.34 5.82 -1.08
C PRO A 186 10.11 5.44 -1.91
N LEU A 187 8.99 6.18 -1.76
CA LEU A 187 7.77 5.92 -2.52
C LEU A 187 7.96 6.31 -3.98
N LEU A 188 8.73 7.39 -4.25
CA LEU A 188 9.02 7.82 -5.62
C LEU A 188 9.95 6.79 -6.28
N ILE A 189 10.96 6.27 -5.52
CA ILE A 189 11.87 5.23 -6.00
C ILE A 189 11.09 3.96 -6.32
N MET A 190 10.14 3.57 -5.44
CA MET A 190 9.33 2.37 -5.64
C MET A 190 8.48 2.50 -6.93
N VAL A 191 7.72 3.61 -7.07
CA VAL A 191 6.87 3.82 -8.25
C VAL A 191 7.70 3.82 -9.55
N ILE A 192 8.90 4.43 -9.55
CA ILE A 192 9.78 4.45 -10.73
C ILE A 192 10.38 3.06 -11.01
N CYS A 193 10.98 2.43 -10.00
CA CYS A 193 11.65 1.14 -10.16
C CYS A 193 10.70 0.01 -10.53
N TYR A 194 9.63 -0.17 -9.75
CA TYR A 194 8.70 -1.28 -10.00
C TYR A 194 7.83 -1.08 -11.22
N SER A 195 7.50 0.16 -11.62
CA SER A 195 6.73 0.34 -12.86
C SER A 195 7.64 -0.05 -14.04
N GLY A 196 8.92 0.33 -13.95
CA GLY A 196 9.93 -0.03 -14.92
C GLY A 196 10.25 -1.52 -14.94
N ILE A 197 10.29 -2.19 -13.77
CA ILE A 197 10.52 -3.64 -13.67
C ILE A 197 9.32 -4.37 -14.26
N LEU A 198 8.09 -3.96 -13.88
CA LEU A 198 6.85 -4.56 -14.39
C LEU A 198 6.76 -4.42 -15.92
N LYS A 199 7.21 -3.29 -16.47
CA LYS A 199 7.18 -3.04 -17.90
C LYS A 199 8.01 -4.08 -18.68
N THR A 200 9.16 -4.53 -18.12
CA THR A 200 9.98 -5.56 -18.78
C THR A 200 9.28 -6.93 -18.76
N LEU A 201 8.50 -7.23 -17.71
CA LEU A 201 7.77 -8.50 -17.60
C LEU A 201 6.55 -8.56 -18.55
N LEU A 202 6.15 -7.43 -19.19
CA LEU A 202 5.05 -7.39 -20.16
C LEU A 202 5.65 -7.50 -21.58
N ARG A 203 5.55 -8.68 -22.22
CA ARG A 203 6.11 -8.92 -23.55
C ARG A 203 5.19 -9.75 -24.45
N MET A 204 5.38 -9.62 -25.78
CA MET A 204 4.65 -10.40 -26.79
C MET A 204 5.22 -11.82 -26.80
N LYS A 205 4.39 -12.81 -27.11
CA LYS A 205 4.80 -14.22 -27.09
C LYS A 205 5.69 -14.57 -28.30
N LYS A 206 6.84 -15.24 -28.04
CA LYS A 206 7.74 -15.68 -29.10
C LYS A 206 7.51 -17.16 -29.33
N TYR A 207 7.63 -17.61 -30.60
CA TYR A 207 7.36 -19.00 -31.00
C TYR A 207 8.58 -19.61 -31.65
N THR A 208 8.88 -20.89 -31.34
CA THR A 208 10.04 -21.59 -31.89
C THR A 208 9.63 -22.70 -32.85
N CYS A 209 10.44 -22.93 -33.90
CA CYS A 209 10.22 -23.99 -34.88
C CYS A 209 10.59 -25.32 -34.23
N THR A 210 9.67 -26.30 -34.26
CA THR A 210 9.90 -27.61 -33.65
C THR A 210 10.86 -28.52 -34.46
N VAL A 211 11.27 -28.12 -35.69
CA VAL A 211 12.20 -28.88 -36.53
C VAL A 211 13.65 -28.41 -36.29
N CYS A 212 14.01 -27.20 -36.74
CA CYS A 212 15.38 -26.68 -36.65
C CYS A 212 15.68 -25.96 -35.33
N GLY A 213 14.71 -25.21 -34.80
CA GLY A 213 14.87 -24.44 -33.56
C GLY A 213 14.82 -22.94 -33.72
N TYR A 214 14.49 -22.43 -34.95
CA TYR A 214 14.38 -20.99 -35.21
C TYR A 214 13.35 -20.32 -34.28
N ILE A 215 13.77 -19.30 -33.50
CA ILE A 215 12.88 -18.55 -32.60
C ILE A 215 12.35 -17.31 -33.32
N TYR A 216 11.02 -17.20 -33.45
CA TYR A 216 10.38 -16.02 -34.02
C TYR A 216 10.19 -15.01 -32.88
N ASN A 217 10.90 -13.86 -32.94
CA ASN A 217 10.80 -12.81 -31.94
C ASN A 217 9.85 -11.74 -32.50
N PRO A 218 8.66 -11.49 -31.90
CA PRO A 218 7.76 -10.45 -32.45
C PRO A 218 8.38 -9.06 -32.53
N GLU A 219 9.31 -8.70 -31.61
CA GLU A 219 10.01 -7.41 -31.61
C GLU A 219 10.77 -7.20 -32.92
N ASP A 220 11.56 -8.21 -33.32
CA ASP A 220 12.36 -8.18 -34.55
C ASP A 220 11.48 -8.46 -35.77
N GLY A 221 10.58 -9.43 -35.64
CA GLY A 221 9.70 -9.85 -36.71
C GLY A 221 10.45 -10.73 -37.70
N ASP A 222 10.22 -10.48 -39.00
CA ASP A 222 10.89 -11.20 -40.10
C ASP A 222 10.70 -10.34 -41.38
N PRO A 223 11.37 -9.17 -41.46
CA PRO A 223 11.17 -8.28 -42.62
C PRO A 223 11.62 -8.81 -43.99
N ASP A 224 12.53 -9.81 -44.02
CA ASP A 224 13.00 -10.38 -45.29
C ASP A 224 11.90 -11.18 -46.01
N ASN A 225 10.88 -11.69 -45.28
CA ASN A 225 9.78 -12.47 -45.86
C ASN A 225 8.37 -11.87 -45.60
N GLY A 226 8.30 -10.53 -45.51
CA GLY A 226 7.04 -9.81 -45.36
C GLY A 226 6.37 -9.82 -43.99
N VAL A 227 7.14 -9.58 -42.92
CA VAL A 227 6.62 -9.49 -41.54
C VAL A 227 7.27 -8.28 -40.87
N ASN A 228 6.52 -7.19 -40.67
CA ASN A 228 7.06 -5.96 -40.07
C ASN A 228 7.50 -6.18 -38.61
N PRO A 229 8.58 -5.54 -38.11
CA PRO A 229 8.94 -5.71 -36.69
C PRO A 229 7.81 -5.21 -35.77
N GLY A 230 7.34 -6.09 -34.89
CA GLY A 230 6.24 -5.82 -33.98
C GLY A 230 4.95 -6.56 -34.30
N THR A 231 4.96 -7.49 -35.28
CA THR A 231 3.77 -8.25 -35.68
C THR A 231 3.58 -9.46 -34.76
N ASP A 232 2.33 -9.72 -34.35
CA ASP A 232 1.97 -10.87 -33.50
C ASP A 232 2.04 -12.12 -34.37
N PHE A 233 2.55 -13.23 -33.83
CA PHE A 233 2.68 -14.49 -34.58
C PHE A 233 1.34 -14.94 -35.19
N LYS A 234 0.22 -14.73 -34.47
CA LYS A 234 -1.12 -15.10 -34.94
C LYS A 234 -1.59 -14.23 -36.13
N ASP A 235 -1.11 -12.97 -36.22
CA ASP A 235 -1.46 -12.06 -37.32
C ASP A 235 -0.67 -12.33 -38.61
N ILE A 236 0.34 -13.24 -38.60
CA ILE A 236 1.12 -13.58 -39.79
C ILE A 236 0.25 -14.53 -40.66
N PRO A 237 0.28 -14.42 -42.01
CA PRO A 237 -0.55 -15.32 -42.84
C PRO A 237 -0.14 -16.80 -42.76
N ASP A 238 -1.07 -17.69 -43.15
CA ASP A 238 -0.87 -19.14 -43.15
C ASP A 238 0.20 -19.56 -44.18
N ASP A 239 0.37 -18.77 -45.26
CA ASP A 239 1.37 -19.02 -46.31
C ASP A 239 2.83 -18.85 -45.82
N TRP A 240 3.05 -18.11 -44.70
CA TRP A 240 4.39 -17.87 -44.12
C TRP A 240 5.07 -19.19 -43.76
N VAL A 241 6.41 -19.22 -43.89
CA VAL A 241 7.22 -20.41 -43.59
C VAL A 241 8.43 -20.03 -42.75
N CYS A 242 9.00 -21.04 -42.07
CA CYS A 242 10.21 -20.87 -41.24
C CYS A 242 11.36 -20.35 -42.14
N PRO A 243 12.00 -19.21 -41.83
CA PRO A 243 13.09 -18.73 -42.71
C PRO A 243 14.30 -19.64 -42.83
N LEU A 244 14.59 -20.49 -41.83
CA LEU A 244 15.75 -21.39 -41.85
C LEU A 244 15.50 -22.73 -42.56
N CYS A 245 14.44 -23.48 -42.19
CA CYS A 245 14.17 -24.80 -42.75
C CYS A 245 12.94 -24.88 -43.69
N GLY A 246 12.11 -23.83 -43.74
CA GLY A 246 10.98 -23.80 -44.65
C GLY A 246 9.69 -24.48 -44.22
N VAL A 247 9.58 -25.01 -42.98
CA VAL A 247 8.32 -25.63 -42.54
C VAL A 247 7.24 -24.56 -42.30
N GLY A 248 5.99 -25.00 -42.34
CA GLY A 248 4.84 -24.12 -42.18
C GLY A 248 4.60 -23.59 -40.77
N LYS A 249 3.62 -22.69 -40.65
CA LYS A 249 3.22 -22.05 -39.39
C LYS A 249 2.64 -23.07 -38.38
N ASP A 250 2.09 -24.21 -38.88
CA ASP A 250 1.50 -25.26 -38.03
C ASP A 250 2.52 -26.00 -37.14
N GLN A 251 3.84 -25.97 -37.48
CA GLN A 251 4.88 -26.66 -36.71
C GLN A 251 5.67 -25.71 -35.78
N PHE A 252 5.02 -24.65 -35.24
CA PHE A 252 5.65 -23.69 -34.33
C PHE A 252 5.05 -23.79 -32.93
N GLU A 253 5.90 -24.09 -31.93
CA GLU A 253 5.49 -24.18 -30.52
C GLU A 253 5.82 -22.87 -29.82
N GLU A 254 5.07 -22.53 -28.75
CA GLU A 254 5.30 -21.30 -28.00
C GLU A 254 6.52 -21.46 -27.08
N VAL A 255 7.37 -20.41 -27.00
CA VAL A 255 8.58 -20.42 -26.17
C VAL A 255 8.20 -20.15 -24.71
N GLU A 256 8.76 -20.95 -23.78
CA GLU A 256 8.51 -20.79 -22.33
C GLU A 256 9.09 -19.50 -21.75
N ARG A 263 13.74 -13.65 -8.96
CA ARG A 263 13.21 -14.16 -7.68
C ARG A 263 13.54 -13.23 -6.50
N ASP A 264 14.70 -12.51 -6.55
CA ASP A 264 15.11 -11.56 -5.50
C ASP A 264 14.16 -10.37 -5.35
N VAL A 265 13.37 -10.04 -6.41
CA VAL A 265 12.40 -8.93 -6.36
C VAL A 265 11.35 -9.11 -5.26
N ARG A 266 10.89 -10.35 -4.99
CA ARG A 266 9.91 -10.61 -3.93
C ARG A 266 10.41 -10.17 -2.56
N VAL A 267 11.65 -10.58 -2.22
CA VAL A 267 12.25 -10.26 -0.91
C VAL A 267 12.46 -8.74 -0.80
N ILE A 268 13.13 -8.14 -1.79
CA ILE A 268 13.44 -6.70 -1.80
C ILE A 268 12.14 -5.85 -1.86
N PHE A 269 11.07 -6.34 -2.52
CA PHE A 269 9.78 -5.63 -2.59
C PHE A 269 9.11 -5.68 -1.22
N THR A 270 8.98 -6.89 -0.62
CA THR A 270 8.38 -7.08 0.71
C THR A 270 9.07 -6.23 1.77
N ILE A 271 10.41 -6.13 1.70
CA ILE A 271 11.23 -5.35 2.63
C ILE A 271 10.82 -3.85 2.57
N MET A 272 10.55 -3.31 1.37
CA MET A 272 10.12 -1.91 1.25
C MET A 272 8.65 -1.75 1.68
N ILE A 273 7.78 -2.72 1.32
CA ILE A 273 6.36 -2.66 1.69
C ILE A 273 6.20 -2.73 3.19
N VAL A 274 6.88 -3.67 3.85
CA VAL A 274 6.80 -3.81 5.30
C VAL A 274 7.39 -2.57 6.00
N TYR A 275 8.42 -1.93 5.40
CA TYR A 275 8.96 -0.69 5.97
C TYR A 275 7.88 0.40 5.99
N PHE A 276 7.15 0.58 4.87
CA PHE A 276 6.08 1.58 4.80
C PHE A 276 4.97 1.31 5.81
N LEU A 277 4.57 0.03 5.95
CA LEU A 277 3.53 -0.36 6.91
C LEU A 277 3.90 0.04 8.35
N PHE A 278 5.15 -0.21 8.77
CA PHE A 278 5.61 0.07 10.12
C PHE A 278 5.94 1.55 10.41
N TRP A 279 6.46 2.31 9.42
CA TRP A 279 6.89 3.70 9.65
C TRP A 279 6.00 4.81 9.06
N THR A 280 5.17 4.55 8.03
CA THR A 280 4.34 5.62 7.47
C THR A 280 3.35 6.21 8.48
N PRO A 281 2.69 5.40 9.36
CA PRO A 281 1.77 6.00 10.34
C PRO A 281 2.42 7.09 11.19
N TYR A 282 3.65 6.84 11.69
CA TYR A 282 4.38 7.83 12.50
C TYR A 282 4.75 9.07 11.68
N ASN A 283 5.26 8.88 10.46
CA ASN A 283 5.65 9.99 9.58
C ASN A 283 4.46 10.91 9.29
N ILE A 284 3.26 10.34 9.05
CA ILE A 284 2.04 11.13 8.80
C ILE A 284 1.55 11.80 10.10
N VAL A 285 1.64 11.11 11.24
CA VAL A 285 1.19 11.68 12.52
C VAL A 285 2.07 12.88 12.91
N ILE A 286 3.41 12.83 12.74
CA ILE A 286 4.25 13.99 13.04
C ILE A 286 3.95 15.14 12.04
N LEU A 287 3.63 14.83 10.77
CA LEU A 287 3.26 15.82 9.75
C LEU A 287 1.97 16.53 10.20
N LEU A 288 0.94 15.75 10.59
CA LEU A 288 -0.34 16.28 11.10
C LEU A 288 -0.17 17.05 12.41
N ASN A 289 0.67 16.56 13.34
CA ASN A 289 0.89 17.21 14.63
C ASN A 289 1.73 18.50 14.50
N THR A 290 2.61 18.59 13.50
CA THR A 290 3.46 19.77 13.30
C THR A 290 2.69 20.90 12.60
N PHE A 291 2.03 20.59 11.48
CA PHE A 291 1.28 21.58 10.69
C PHE A 291 -0.23 21.46 10.93
N GLN A 292 -0.63 21.41 12.20
CA GLN A 292 -2.04 21.29 12.59
C GLN A 292 -2.95 22.40 12.00
N GLU A 293 -2.45 23.66 11.89
CA GLU A 293 -3.24 24.75 11.29
C GLU A 293 -3.50 24.51 9.79
N PHE A 294 -2.54 23.90 9.07
CA PHE A 294 -2.69 23.59 7.64
C PHE A 294 -3.72 22.46 7.42
N PHE A 295 -3.72 21.44 8.30
CA PHE A 295 -4.67 20.32 8.22
C PHE A 295 -6.01 20.62 8.91
N GLY A 296 -6.06 21.65 9.75
CA GLY A 296 -7.29 22.02 10.45
C GLY A 296 -7.53 21.18 11.68
N LEU A 297 -6.45 20.86 12.42
CA LEU A 297 -6.45 20.04 13.62
C LEU A 297 -5.86 20.84 14.81
N SER A 298 -6.02 22.19 14.79
CA SER A 298 -5.47 23.09 15.80
C SER A 298 -6.24 23.12 17.13
N ASN A 299 -7.43 22.47 17.19
CA ASN A 299 -8.26 22.44 18.41
C ASN A 299 -7.58 21.65 19.56
N CYS A 300 -8.08 21.85 20.80
CA CYS A 300 -7.52 21.25 22.02
C CYS A 300 -7.59 19.72 22.05
N GLU A 301 -8.74 19.14 21.65
CA GLU A 301 -8.97 17.69 21.69
C GLU A 301 -8.07 16.94 20.71
N SER A 302 -7.89 17.53 19.52
CA SER A 302 -7.09 16.99 18.43
C SER A 302 -5.58 16.96 18.73
N THR A 303 -5.05 17.97 19.44
CA THR A 303 -3.63 18.03 19.81
C THR A 303 -3.29 16.91 20.80
N SER A 304 -4.20 16.61 21.73
CA SER A 304 -4.00 15.51 22.70
C SER A 304 -4.02 14.15 22.03
N GLN A 305 -4.91 13.95 21.04
CA GLN A 305 -4.99 12.70 20.28
C GLN A 305 -3.74 12.49 19.43
N LEU A 306 -3.25 13.57 18.77
CA LEU A 306 -2.04 13.53 17.95
C LEU A 306 -0.78 13.27 18.81
N ASP A 307 -0.75 13.75 20.07
CA ASP A 307 0.38 13.48 20.98
C ASP A 307 0.38 12.00 21.36
N GLN A 308 -0.81 11.43 21.66
CA GLN A 308 -0.94 10.00 21.98
C GLN A 308 -0.63 9.14 20.75
N ALA A 309 -1.10 9.58 19.56
CA ALA A 309 -0.85 8.89 18.30
C ALA A 309 0.64 8.87 18.00
N THR A 310 1.37 9.99 18.25
CA THR A 310 2.82 10.06 18.03
C THR A 310 3.53 8.98 18.86
N GLN A 311 3.09 8.81 20.11
CA GLN A 311 3.66 7.82 21.02
C GLN A 311 3.32 6.39 20.57
N VAL A 312 2.05 6.13 20.20
CA VAL A 312 1.62 4.80 19.74
C VAL A 312 2.28 4.42 18.41
N THR A 313 2.25 5.30 17.40
CA THR A 313 2.87 5.03 16.10
C THR A 313 4.40 4.93 16.16
N GLU A 314 5.06 5.59 17.13
CA GLU A 314 6.51 5.45 17.30
C GLU A 314 6.85 4.03 17.76
N THR A 315 6.03 3.45 18.68
CA THR A 315 6.25 2.07 19.13
C THR A 315 6.16 1.12 17.95
N LEU A 316 5.15 1.29 17.07
CA LEU A 316 5.02 0.44 15.88
C LEU A 316 6.30 0.50 15.05
N GLY A 317 6.71 1.71 14.69
CA GLY A 317 7.94 1.94 13.94
C GLY A 317 9.17 1.34 14.60
N MET A 318 9.28 1.45 15.92
CA MET A 318 10.43 0.92 16.67
C MET A 318 10.51 -0.61 16.67
N THR A 319 9.38 -1.32 16.49
CA THR A 319 9.39 -2.78 16.40
C THR A 319 9.87 -3.28 15.02
N HIS A 320 10.00 -2.37 14.01
CA HIS A 320 10.44 -2.73 12.66
C HIS A 320 11.85 -3.31 12.55
N CYS A 321 12.79 -2.85 13.41
CA CYS A 321 14.20 -3.26 13.38
C CYS A 321 14.42 -4.80 13.50
N CYS A 322 13.43 -5.59 13.96
CA CYS A 322 13.54 -7.05 14.06
C CYS A 322 12.80 -7.78 12.92
N ILE A 323 12.21 -7.07 11.93
CA ILE A 323 11.35 -7.68 10.91
C ILE A 323 12.07 -8.19 9.66
N ASN A 324 13.18 -7.56 9.20
CA ASN A 324 13.86 -8.02 7.98
C ASN A 324 14.31 -9.48 8.08
N PRO A 325 14.93 -9.94 9.19
CA PRO A 325 15.27 -11.37 9.30
C PRO A 325 14.07 -12.32 9.21
N ILE A 326 12.88 -11.89 9.64
CA ILE A 326 11.65 -12.69 9.55
C ILE A 326 11.17 -12.77 8.08
N ILE A 327 11.24 -11.65 7.33
CA ILE A 327 10.86 -11.61 5.91
C ILE A 327 11.76 -12.55 5.11
N TYR A 328 13.07 -12.58 5.40
CA TYR A 328 14.01 -13.45 4.69
C TYR A 328 13.68 -14.91 4.93
N ALA A 329 13.27 -15.28 6.16
CA ALA A 329 12.92 -16.66 6.48
C ALA A 329 11.66 -17.11 5.72
N PHE A 330 10.60 -16.28 5.70
CA PHE A 330 9.36 -16.63 5.02
C PHE A 330 9.39 -16.44 3.50
N VAL A 331 9.81 -15.26 3.00
CA VAL A 331 9.82 -14.98 1.57
C VAL A 331 11.00 -15.64 0.86
N GLY A 332 12.18 -15.63 1.47
CA GLY A 332 13.39 -16.22 0.89
C GLY A 332 13.56 -17.70 1.20
N GLU A 333 13.33 -18.58 0.20
CA GLU A 333 13.51 -20.04 0.37
C GLU A 333 15.00 -20.41 0.49
N LYS A 334 15.86 -19.77 -0.32
CA LYS A 334 17.31 -19.98 -0.26
C LYS A 334 17.89 -19.42 1.03
N PHE A 335 17.29 -18.31 1.55
CA PHE A 335 17.69 -17.71 2.83
C PHE A 335 17.34 -18.68 3.96
N ARG A 336 16.16 -19.34 3.86
CA ARG A 336 15.67 -20.35 4.82
C ARG A 336 16.71 -21.45 5.01
N SER A 337 17.29 -21.95 3.91
CA SER A 337 18.31 -22.99 3.93
C SER A 337 19.58 -22.51 4.65
N LEU A 338 20.03 -21.28 4.37
CA LEU A 338 21.21 -20.69 5.03
C LEU A 338 20.99 -20.49 6.53
N PHE A 339 19.76 -20.10 6.96
CA PHE A 339 19.45 -19.92 8.39
C PHE A 339 19.56 -21.25 9.14
N HIS A 340 19.06 -22.36 8.53
CA HIS A 340 19.14 -23.69 9.13
C HIS A 340 20.61 -24.16 9.26
N ILE A 341 21.47 -23.77 8.28
CA ILE A 341 22.90 -24.10 8.31
C ILE A 341 23.62 -23.24 9.36
N ALA A 342 23.26 -21.94 9.47
CA ALA A 342 23.86 -21.02 10.43
C ALA A 342 23.52 -21.38 11.88
N LEU A 343 22.28 -21.86 12.15
CA LEU A 343 21.87 -22.27 13.50
C LEU A 343 22.58 -23.56 13.93
N GLY A 344 22.85 -24.45 12.98
CA GLY A 344 23.56 -25.70 13.24
C GLY A 344 25.04 -25.51 13.56
N GLU A 345 25.65 -24.39 13.09
CA GLU A 345 27.05 -24.06 13.33
C GLU A 345 27.16 -23.05 14.46
N PHE B 7 -37.40 14.72 11.44
CA PHE B 7 -36.61 14.27 10.29
C PHE B 7 -37.28 13.07 9.63
N ASP B 8 -37.77 13.23 8.39
CA ASP B 8 -38.46 12.15 7.66
C ASP B 8 -37.47 11.11 7.15
N VAL B 9 -36.29 11.52 6.66
CA VAL B 9 -35.27 10.60 6.16
C VAL B 9 -34.57 9.83 7.30
N LYS B 10 -34.37 10.46 8.48
CA LYS B 10 -33.74 9.79 9.63
C LYS B 10 -34.59 8.60 10.13
N GLN B 11 -35.94 8.75 10.13
CA GLN B 11 -36.86 7.69 10.55
C GLN B 11 -36.87 6.53 9.54
N ILE B 12 -36.77 6.84 8.22
CA ILE B 12 -36.70 5.80 7.18
C ILE B 12 -35.37 5.06 7.32
N GLY B 13 -34.29 5.80 7.66
CA GLY B 13 -32.97 5.25 7.87
C GLY B 13 -32.90 4.23 8.98
N ALA B 14 -33.46 4.57 10.16
CA ALA B 14 -33.48 3.68 11.33
C ALA B 14 -34.33 2.40 11.13
N GLN B 15 -35.29 2.43 10.19
CA GLN B 15 -36.17 1.28 9.89
C GLN B 15 -35.61 0.43 8.74
N LEU B 16 -35.15 1.07 7.64
CA LEU B 16 -34.66 0.40 6.43
C LEU B 16 -33.24 -0.13 6.49
N LEU B 17 -32.28 0.68 6.97
CA LEU B 17 -30.86 0.33 6.93
C LEU B 17 -30.47 -0.89 7.78
N PRO B 18 -30.87 -1.00 9.05
CA PRO B 18 -30.47 -2.20 9.83
C PRO B 18 -30.77 -3.53 9.12
N PRO B 19 -32.00 -3.82 8.64
CA PRO B 19 -32.19 -5.08 7.90
C PRO B 19 -31.51 -5.13 6.53
N LEU B 20 -31.50 -4.00 5.78
CA LEU B 20 -30.87 -3.95 4.45
C LEU B 20 -29.38 -4.25 4.54
N TYR B 21 -28.67 -3.53 5.42
CA TYR B 21 -27.23 -3.73 5.61
C TYR B 21 -26.87 -5.09 6.22
N SER B 22 -27.77 -5.71 7.01
CA SER B 22 -27.54 -7.05 7.57
C SER B 22 -27.68 -8.11 6.47
N LEU B 23 -28.63 -7.92 5.54
CA LEU B 23 -28.82 -8.84 4.40
C LEU B 23 -27.66 -8.73 3.42
N VAL B 24 -27.26 -7.49 3.07
CA VAL B 24 -26.11 -7.24 2.17
C VAL B 24 -24.85 -7.83 2.81
N PHE B 25 -24.68 -7.66 4.14
CA PHE B 25 -23.53 -8.24 4.85
C PHE B 25 -23.53 -9.77 4.70
N ILE B 26 -24.66 -10.44 5.03
CA ILE B 26 -24.75 -11.90 4.95
C ILE B 26 -24.53 -12.37 3.51
N PHE B 27 -25.43 -11.97 2.58
CA PHE B 27 -25.36 -12.30 1.15
C PHE B 27 -23.96 -12.04 0.57
N GLY B 28 -23.42 -10.85 0.85
CA GLY B 28 -22.11 -10.43 0.39
C GLY B 28 -20.97 -11.22 0.99
N PHE B 29 -21.07 -11.59 2.28
CA PHE B 29 -20.04 -12.39 2.95
C PHE B 29 -20.00 -13.80 2.35
N VAL B 30 -21.15 -14.50 2.23
CA VAL B 30 -21.18 -15.86 1.65
C VAL B 30 -20.65 -15.80 0.22
N GLY B 31 -21.24 -14.93 -0.60
CA GLY B 31 -20.88 -14.75 -1.99
C GLY B 31 -19.41 -14.49 -2.24
N ASN B 32 -18.84 -13.45 -1.60
CA ASN B 32 -17.43 -13.12 -1.77
C ASN B 32 -16.48 -14.11 -1.12
N MET B 33 -16.88 -14.77 -0.02
CA MET B 33 -16.02 -15.77 0.62
C MET B 33 -15.97 -17.05 -0.24
N LEU B 34 -17.03 -17.31 -1.05
CA LEU B 34 -17.06 -18.43 -1.99
C LEU B 34 -16.08 -18.14 -3.14
N VAL B 35 -16.07 -16.89 -3.65
CA VAL B 35 -15.17 -16.47 -4.72
C VAL B 35 -13.70 -16.60 -4.27
N VAL B 36 -13.39 -16.11 -3.06
CA VAL B 36 -12.03 -16.17 -2.49
C VAL B 36 -11.52 -17.61 -2.46
N LEU B 37 -12.27 -18.52 -1.86
CA LEU B 37 -11.84 -19.92 -1.73
C LEU B 37 -12.06 -20.77 -3.02
N ILE B 38 -12.82 -20.27 -4.02
CA ILE B 38 -12.94 -20.93 -5.33
C ILE B 38 -11.63 -20.63 -6.08
N LEU B 39 -11.22 -19.35 -6.08
CA LEU B 39 -9.98 -18.90 -6.74
C LEU B 39 -8.73 -19.51 -6.11
N ILE B 40 -8.68 -19.62 -4.77
CA ILE B 40 -7.52 -20.19 -4.08
C ILE B 40 -7.41 -21.71 -4.30
N ASN B 41 -8.51 -22.46 -4.14
CA ASN B 41 -8.48 -23.92 -4.24
C ASN B 41 -8.62 -24.47 -5.67
N TYR B 42 -9.67 -24.08 -6.42
CA TYR B 42 -9.90 -24.63 -7.76
C TYR B 42 -9.07 -24.00 -8.86
N LYS B 43 -9.07 -22.66 -9.00
CA LYS B 43 -8.27 -21.99 -10.03
C LYS B 43 -6.76 -21.98 -9.64
N LYS B 44 -6.44 -22.07 -8.33
CA LYS B 44 -5.09 -22.14 -7.78
C LYS B 44 -4.21 -20.89 -8.10
N LEU B 45 -4.86 -19.73 -8.39
CA LEU B 45 -4.18 -18.45 -8.66
C LEU B 45 -3.01 -18.57 -9.64
N LYS B 46 -3.24 -19.31 -10.72
CA LYS B 46 -2.24 -19.55 -11.78
C LYS B 46 -2.19 -18.36 -12.75
N CYS B 47 -3.36 -17.83 -13.10
CA CYS B 47 -3.51 -16.70 -14.02
C CYS B 47 -3.47 -15.35 -13.28
N LEU B 48 -3.27 -14.27 -14.04
CA LEU B 48 -3.22 -12.91 -13.50
C LEU B 48 -4.62 -12.39 -13.20
N THR B 49 -5.63 -12.82 -14.00
CA THR B 49 -7.04 -12.47 -13.81
C THR B 49 -7.56 -13.03 -12.46
N ASP B 50 -7.09 -14.22 -12.07
CA ASP B 50 -7.49 -14.86 -10.80
C ASP B 50 -6.93 -14.09 -9.60
N ILE B 51 -5.70 -13.54 -9.73
CA ILE B 51 -5.07 -12.77 -8.65
C ILE B 51 -5.83 -11.45 -8.40
N TYR B 52 -6.29 -10.77 -9.47
CA TYR B 52 -7.05 -9.52 -9.32
C TYR B 52 -8.50 -9.77 -8.88
N LEU B 53 -9.12 -10.89 -9.31
CA LEU B 53 -10.47 -11.24 -8.86
C LEU B 53 -10.45 -11.60 -7.37
N LEU B 54 -9.34 -12.21 -6.88
CA LEU B 54 -9.17 -12.50 -5.46
C LEU B 54 -9.10 -11.17 -4.69
N ASN B 55 -8.25 -10.24 -5.17
CA ASN B 55 -8.10 -8.93 -4.53
C ASN B 55 -9.37 -8.08 -4.61
N LEU B 56 -10.17 -8.25 -5.67
CA LEU B 56 -11.46 -7.59 -5.85
C LEU B 56 -12.46 -8.17 -4.82
N ALA B 57 -12.39 -9.50 -4.56
CA ALA B 57 -13.25 -10.14 -3.54
C ALA B 57 -12.84 -9.71 -2.14
N ILE B 58 -11.52 -9.55 -1.88
CA ILE B 58 -11.01 -9.07 -0.60
C ILE B 58 -11.49 -7.63 -0.36
N SER B 59 -11.47 -6.78 -1.42
CA SER B 59 -11.93 -5.38 -1.32
C SER B 59 -13.38 -5.33 -0.88
N ASP B 60 -14.24 -6.13 -1.51
CA ASP B 60 -15.66 -6.23 -1.16
C ASP B 60 -15.82 -6.73 0.27
N LEU B 61 -14.99 -7.72 0.70
CA LEU B 61 -15.05 -8.24 2.08
C LEU B 61 -14.64 -7.18 3.09
N LEU B 62 -13.60 -6.37 2.80
CA LEU B 62 -13.17 -5.28 3.69
C LEU B 62 -14.28 -4.22 3.83
N PHE B 63 -15.08 -4.02 2.77
CA PHE B 63 -16.20 -3.09 2.79
C PHE B 63 -17.36 -3.68 3.59
N LEU B 64 -17.76 -4.92 3.30
CA LEU B 64 -18.92 -5.47 3.99
C LEU B 64 -18.68 -5.74 5.49
N ILE B 65 -17.45 -6.05 5.98
CA ILE B 65 -17.26 -6.19 7.45
C ILE B 65 -17.56 -4.90 8.23
N THR B 66 -17.74 -3.74 7.55
CA THR B 66 -18.11 -2.48 8.19
C THR B 66 -19.62 -2.30 8.30
N LEU B 67 -20.42 -2.99 7.45
CA LEU B 67 -21.89 -2.90 7.44
C LEU B 67 -22.54 -3.19 8.80
N PRO B 68 -22.12 -4.20 9.59
CA PRO B 68 -22.74 -4.42 10.91
C PRO B 68 -22.67 -3.20 11.83
N LEU B 69 -21.57 -2.43 11.79
CA LEU B 69 -21.44 -1.23 12.61
C LEU B 69 -22.30 -0.09 12.06
N TRP B 70 -22.41 0.03 10.73
CA TRP B 70 -23.26 1.06 10.11
C TRP B 70 -24.73 0.71 10.33
N ALA B 71 -25.07 -0.59 10.34
CA ALA B 71 -26.42 -1.08 10.60
C ALA B 71 -26.86 -0.66 12.01
N HIS B 72 -25.97 -0.84 13.01
CA HIS B 72 -26.22 -0.44 14.40
C HIS B 72 -26.42 1.07 14.53
N SER B 73 -25.52 1.84 13.90
CA SER B 73 -25.54 3.31 13.92
C SER B 73 -26.75 3.96 13.22
N ALA B 74 -27.46 3.23 12.35
CA ALA B 74 -28.66 3.75 11.69
C ALA B 74 -29.79 3.96 12.71
N ALA B 75 -29.96 3.02 13.65
CA ALA B 75 -31.00 3.11 14.67
C ALA B 75 -30.49 3.61 16.03
N ASN B 76 -29.23 3.28 16.41
CA ASN B 76 -28.64 3.68 17.69
C ASN B 76 -27.55 4.73 17.46
N GLU B 77 -26.96 5.21 18.57
CA GLU B 77 -25.86 6.18 18.52
C GLU B 77 -24.53 5.46 18.22
N TRP B 78 -23.45 6.24 17.96
CA TRP B 78 -22.14 5.63 17.75
C TRP B 78 -21.59 5.29 19.14
N VAL B 79 -21.67 4.00 19.50
CA VAL B 79 -21.23 3.51 20.82
C VAL B 79 -19.84 2.85 20.80
N PHE B 80 -19.17 2.80 19.63
CA PHE B 80 -17.88 2.09 19.49
C PHE B 80 -16.62 2.96 19.72
N GLY B 81 -16.78 4.26 19.97
CA GLY B 81 -15.65 5.14 20.23
C GLY B 81 -15.01 5.75 19.00
N ASN B 82 -14.03 6.63 19.23
CA ASN B 82 -13.33 7.35 18.15
C ASN B 82 -12.41 6.45 17.33
N ALA B 83 -11.70 5.50 17.98
CA ALA B 83 -10.77 4.60 17.28
C ALA B 83 -11.52 3.68 16.30
N MET B 84 -12.67 3.11 16.73
CA MET B 84 -13.48 2.24 15.88
C MET B 84 -14.13 3.06 14.77
N CYS B 85 -14.44 4.33 15.02
CA CYS B 85 -14.99 5.21 13.99
C CYS B 85 -13.96 5.39 12.86
N LYS B 86 -12.69 5.63 13.22
CA LYS B 86 -11.60 5.79 12.26
C LYS B 86 -11.20 4.48 11.56
N LEU B 87 -11.13 3.36 12.32
CA LEU B 87 -10.80 2.04 11.78
C LEU B 87 -11.82 1.61 10.72
N PHE B 88 -13.10 1.73 11.05
CA PHE B 88 -14.18 1.32 10.16
C PHE B 88 -14.37 2.29 8.98
N THR B 89 -13.93 3.55 9.13
CA THR B 89 -13.93 4.52 8.01
C THR B 89 -12.80 4.12 7.05
N GLY B 90 -11.67 3.70 7.61
CA GLY B 90 -10.53 3.24 6.83
C GLY B 90 -10.87 2.00 6.03
N LEU B 91 -11.50 0.99 6.68
CA LEU B 91 -11.90 -0.26 6.01
C LEU B 91 -12.93 0.01 4.90
N TYR B 92 -13.84 0.97 5.12
CA TYR B 92 -14.85 1.39 4.13
C TYR B 92 -14.14 1.93 2.88
N HIS B 93 -13.19 2.86 3.05
CA HIS B 93 -12.49 3.47 1.92
C HIS B 93 -11.46 2.55 1.27
N ILE B 94 -10.73 1.74 2.07
CA ILE B 94 -9.76 0.76 1.52
C ILE B 94 -10.54 -0.22 0.64
N GLY B 95 -11.70 -0.68 1.14
CA GLY B 95 -12.59 -1.56 0.39
C GLY B 95 -13.15 -0.88 -0.84
N TYR B 96 -13.58 0.39 -0.71
CA TYR B 96 -14.12 1.16 -1.85
C TYR B 96 -13.06 1.36 -2.95
N PHE B 97 -11.91 1.96 -2.60
CA PHE B 97 -10.85 2.25 -3.57
C PHE B 97 -10.19 1.02 -4.12
N GLY B 98 -9.85 0.07 -3.26
CA GLY B 98 -9.27 -1.19 -3.70
C GLY B 98 -10.15 -1.83 -4.76
N GLY B 99 -11.45 -1.86 -4.48
CA GLY B 99 -12.47 -2.41 -5.36
C GLY B 99 -12.46 -1.82 -6.75
N ILE B 100 -12.39 -0.48 -6.90
CA ILE B 100 -12.38 0.14 -8.23
C ILE B 100 -11.03 -0.04 -8.91
N PHE B 101 -9.93 0.03 -8.14
CA PHE B 101 -8.60 -0.14 -8.73
C PHE B 101 -8.39 -1.55 -9.30
N PHE B 102 -8.90 -2.60 -8.61
CA PHE B 102 -8.77 -3.97 -9.12
C PHE B 102 -9.66 -4.23 -10.34
N ILE B 103 -10.73 -3.44 -10.55
CA ILE B 103 -11.57 -3.55 -11.75
C ILE B 103 -10.78 -2.93 -12.92
N ILE B 104 -10.15 -1.75 -12.68
CA ILE B 104 -9.30 -1.07 -13.67
C ILE B 104 -8.18 -2.00 -14.15
N LEU B 105 -7.52 -2.73 -13.23
CA LEU B 105 -6.44 -3.66 -13.58
C LEU B 105 -6.94 -4.86 -14.39
N LEU B 106 -8.14 -5.38 -14.07
CA LEU B 106 -8.74 -6.48 -14.82
C LEU B 106 -9.04 -6.04 -16.26
N THR B 107 -9.39 -4.76 -16.47
CA THR B 107 -9.68 -4.20 -17.79
C THR B 107 -8.39 -3.97 -18.56
N ILE B 108 -7.35 -3.41 -17.91
CA ILE B 108 -6.06 -3.18 -18.56
C ILE B 108 -5.41 -4.52 -18.94
N ASP B 109 -5.54 -5.55 -18.07
CA ASP B 109 -5.01 -6.89 -18.34
C ASP B 109 -5.62 -7.47 -19.62
N ARG B 110 -6.96 -7.39 -19.74
CA ARG B 110 -7.68 -7.87 -20.93
C ARG B 110 -7.41 -6.99 -22.14
N TYR B 111 -7.20 -5.67 -21.96
CA TYR B 111 -6.90 -4.75 -23.07
C TYR B 111 -5.55 -5.10 -23.72
N LEU B 112 -4.52 -5.32 -22.90
CA LEU B 112 -3.19 -5.68 -23.42
C LEU B 112 -3.21 -7.06 -24.09
N ALA B 113 -3.94 -8.04 -23.51
CA ALA B 113 -4.04 -9.39 -24.06
C ALA B 113 -4.81 -9.43 -25.39
N ILE B 114 -5.92 -8.70 -25.49
CA ILE B 114 -6.75 -8.69 -26.70
C ILE B 114 -6.21 -7.73 -27.78
N VAL B 115 -6.04 -6.45 -27.43
CA VAL B 115 -5.64 -5.42 -28.39
C VAL B 115 -4.18 -5.55 -28.81
N HIS B 116 -3.25 -5.62 -27.86
CA HIS B 116 -1.82 -5.64 -28.14
C HIS B 116 -1.15 -7.01 -28.12
N ALA B 117 -1.81 -8.07 -27.63
CA ALA B 117 -1.21 -9.41 -27.51
C ALA B 117 0.08 -9.36 -26.65
N VAL B 118 0.09 -8.46 -25.65
CA VAL B 118 1.18 -8.25 -24.69
C VAL B 118 0.72 -8.95 -23.42
N PHE B 119 1.46 -9.98 -22.98
CA PHE B 119 1.11 -10.78 -21.81
C PHE B 119 2.21 -10.70 -20.79
N ALA B 120 1.85 -10.90 -19.52
CA ALA B 120 2.82 -10.91 -18.41
C ALA B 120 3.58 -12.23 -18.51
N LEU B 121 4.93 -12.17 -18.55
CA LEU B 121 5.79 -13.35 -18.63
C LEU B 121 5.25 -14.49 -17.75
N LYS B 122 4.81 -15.61 -18.37
CA LYS B 122 4.22 -16.78 -17.69
C LYS B 122 5.02 -17.22 -16.45
N ALA B 123 6.36 -17.26 -16.56
CA ALA B 123 7.24 -17.65 -15.45
C ALA B 123 7.18 -16.69 -14.25
N ARG B 124 6.83 -15.41 -14.47
CA ARG B 124 6.73 -14.39 -13.43
C ARG B 124 5.30 -13.84 -13.29
N THR B 125 4.26 -14.70 -13.51
CA THR B 125 2.85 -14.28 -13.41
C THR B 125 2.49 -13.91 -11.97
N VAL B 126 2.78 -14.81 -11.02
CA VAL B 126 2.50 -14.55 -9.61
C VAL B 126 3.27 -13.32 -9.13
N THR B 127 4.54 -13.18 -9.53
CA THR B 127 5.34 -12.02 -9.11
C THR B 127 4.79 -10.70 -9.68
N PHE B 128 4.26 -10.71 -10.93
CA PHE B 128 3.63 -9.53 -11.52
C PHE B 128 2.35 -9.20 -10.76
N GLY B 129 1.52 -10.22 -10.54
CA GLY B 129 0.25 -10.08 -9.83
C GLY B 129 0.42 -9.63 -8.40
N VAL B 130 1.39 -10.20 -7.67
CA VAL B 130 1.67 -9.83 -6.28
C VAL B 130 2.18 -8.38 -6.17
N VAL B 131 3.10 -7.97 -7.05
CA VAL B 131 3.66 -6.61 -7.05
C VAL B 131 2.58 -5.58 -7.39
N THR B 132 1.86 -5.77 -8.50
CA THR B 132 0.80 -4.84 -8.89
C THR B 132 -0.34 -4.80 -7.89
N SER B 133 -0.68 -5.94 -7.26
CA SER B 133 -1.75 -5.97 -6.25
C SER B 133 -1.33 -5.24 -4.98
N VAL B 134 -0.14 -5.52 -4.48
CA VAL B 134 0.35 -4.86 -3.25
C VAL B 134 0.56 -3.35 -3.49
N ILE B 135 1.03 -2.93 -4.67
CA ILE B 135 1.15 -1.50 -4.99
C ILE B 135 -0.25 -0.88 -5.03
N THR B 136 -1.23 -1.59 -5.60
CA THR B 136 -2.61 -1.10 -5.68
C THR B 136 -3.23 -0.96 -4.29
N TRP B 137 -2.97 -1.92 -3.38
CA TRP B 137 -3.45 -1.83 -2.00
C TRP B 137 -2.84 -0.61 -1.32
N LEU B 138 -1.56 -0.34 -1.59
CA LEU B 138 -0.86 0.85 -1.08
C LEU B 138 -1.58 2.13 -1.51
N VAL B 139 -1.95 2.26 -2.80
CA VAL B 139 -2.66 3.45 -3.30
C VAL B 139 -4.06 3.52 -2.66
N ALA B 140 -4.73 2.36 -2.46
CA ALA B 140 -6.07 2.31 -1.81
C ALA B 140 -5.97 2.77 -0.34
N VAL B 141 -4.88 2.39 0.36
CA VAL B 141 -4.64 2.83 1.74
C VAL B 141 -4.36 4.33 1.78
N PHE B 142 -3.49 4.86 0.89
CA PHE B 142 -3.19 6.30 0.88
C PHE B 142 -4.41 7.15 0.53
N ALA B 143 -5.22 6.71 -0.45
CA ALA B 143 -6.45 7.43 -0.81
C ALA B 143 -7.44 7.51 0.37
N SER B 144 -7.38 6.55 1.33
CA SER B 144 -8.26 6.50 2.50
C SER B 144 -7.79 7.36 3.69
N VAL B 145 -6.51 7.79 3.72
CA VAL B 145 -5.94 8.56 4.85
C VAL B 145 -6.77 9.83 5.17
N PRO B 146 -7.08 10.73 4.20
CA PRO B 146 -7.91 11.91 4.52
C PRO B 146 -9.17 11.60 5.31
N ASN B 147 -9.94 10.59 4.86
CA ASN B 147 -11.15 10.17 5.55
C ASN B 147 -10.86 9.62 6.95
N ILE B 148 -9.77 8.87 7.13
CA ILE B 148 -9.38 8.36 8.46
C ILE B 148 -9.02 9.56 9.37
N ILE B 149 -8.38 10.62 8.82
CA ILE B 149 -8.01 11.82 9.59
C ILE B 149 -9.25 12.59 10.06
N PHE B 150 -10.08 13.04 9.11
CA PHE B 150 -11.20 13.92 9.39
C PHE B 150 -12.49 13.26 9.88
N THR B 151 -12.62 11.92 9.87
CA THR B 151 -13.82 11.28 10.40
C THR B 151 -13.57 10.98 11.87
N LYS B 152 -14.52 11.34 12.76
CA LYS B 152 -14.39 11.13 14.19
C LYS B 152 -15.72 10.97 14.91
N CYS B 153 -15.67 10.37 16.11
CA CYS B 153 -16.83 10.21 16.98
C CYS B 153 -17.01 11.56 17.70
N GLN B 154 -18.17 12.21 17.50
CA GLN B 154 -18.46 13.54 18.07
C GLN B 154 -19.87 13.56 18.62
N LYS B 155 -20.10 14.42 19.62
CA LYS B 155 -21.40 14.57 20.27
C LYS B 155 -22.27 15.57 19.47
N GLU B 156 -23.23 15.07 18.67
CA GLU B 156 -24.15 15.91 17.88
C GLU B 156 -25.30 16.26 18.80
N ASP B 157 -25.17 17.41 19.51
CA ASP B 157 -26.13 17.88 20.49
C ASP B 157 -26.15 16.92 21.71
N SER B 158 -27.08 15.93 21.75
CA SER B 158 -27.19 14.96 22.85
C SER B 158 -26.59 13.59 22.50
N VAL B 159 -26.74 13.15 21.24
CA VAL B 159 -26.34 11.82 20.79
C VAL B 159 -24.90 11.79 20.21
N TYR B 160 -24.19 10.62 20.29
CA TYR B 160 -22.84 10.47 19.68
C TYR B 160 -22.98 10.00 18.23
N VAL B 161 -22.18 10.56 17.30
CA VAL B 161 -22.20 10.19 15.88
C VAL B 161 -20.79 10.08 15.31
N CYS B 162 -20.59 9.14 14.37
CA CYS B 162 -19.33 8.94 13.67
C CYS B 162 -19.57 9.51 12.28
N GLY B 163 -18.96 10.67 12.00
CA GLY B 163 -19.14 11.34 10.73
C GLY B 163 -17.98 12.23 10.34
N PRO B 164 -17.99 12.78 9.11
CA PRO B 164 -16.85 13.59 8.65
C PRO B 164 -16.88 15.03 9.15
N TYR B 165 -15.70 15.55 9.52
CA TYR B 165 -15.52 16.92 10.00
C TYR B 165 -14.37 17.53 9.20
N PHE B 166 -14.56 17.58 7.88
CA PHE B 166 -13.57 18.12 6.97
C PHE B 166 -13.62 19.65 6.92
N PRO B 167 -12.49 20.38 7.10
CA PRO B 167 -12.53 21.83 6.85
C PRO B 167 -12.85 22.09 5.35
N ARG B 168 -13.48 23.24 5.02
CA ARG B 168 -13.89 23.57 3.64
C ARG B 168 -12.87 23.18 2.57
N GLY B 169 -11.59 23.49 2.81
CA GLY B 169 -10.48 23.18 1.90
C GLY B 169 -10.23 21.70 1.66
N TRP B 170 -10.17 20.90 2.74
CA TRP B 170 -9.95 19.45 2.63
C TRP B 170 -11.20 18.72 2.13
N ASN B 171 -12.40 19.30 2.35
CA ASN B 171 -13.65 18.72 1.85
C ASN B 171 -13.71 18.85 0.33
N ASN B 172 -13.23 19.99 -0.22
CA ASN B 172 -13.20 20.22 -1.67
C ASN B 172 -12.19 19.26 -2.32
N PHE B 173 -11.04 19.06 -1.68
CA PHE B 173 -10.01 18.12 -2.14
C PHE B 173 -10.60 16.71 -2.12
N HIS B 174 -11.23 16.32 -1.00
CA HIS B 174 -11.86 15.01 -0.86
C HIS B 174 -12.91 14.72 -1.95
N THR B 175 -13.82 15.67 -2.21
CA THR B 175 -14.89 15.51 -3.21
C THR B 175 -14.34 15.36 -4.63
N ILE B 176 -13.46 16.29 -5.07
CA ILE B 176 -12.87 16.23 -6.42
C ILE B 176 -11.94 15.02 -6.56
N MET B 177 -11.21 14.64 -5.48
CA MET B 177 -10.32 13.47 -5.55
C MET B 177 -11.12 12.17 -5.59
N ARG B 178 -12.29 12.12 -4.93
CA ARG B 178 -13.17 10.96 -4.96
C ARG B 178 -13.76 10.80 -6.37
N ASN B 179 -14.17 11.91 -7.00
CA ASN B 179 -14.71 11.91 -8.36
C ASN B 179 -13.62 11.60 -9.39
N ILE B 180 -12.35 11.99 -9.15
CA ILE B 180 -11.27 11.66 -10.08
C ILE B 180 -10.96 10.17 -10.05
N LEU B 181 -10.74 9.60 -8.85
CA LEU B 181 -10.40 8.19 -8.66
C LEU B 181 -11.58 7.24 -8.84
N GLY B 182 -12.78 7.69 -8.49
CA GLY B 182 -14.00 6.88 -8.54
C GLY B 182 -14.84 7.01 -9.79
N LEU B 183 -14.73 8.10 -10.57
CA LEU B 183 -15.56 8.31 -11.76
C LEU B 183 -14.76 8.68 -13.02
N VAL B 184 -13.89 9.71 -12.98
CA VAL B 184 -13.16 10.14 -14.18
C VAL B 184 -12.13 9.09 -14.63
N LEU B 185 -11.25 8.64 -13.72
CA LEU B 185 -10.22 7.64 -14.05
C LEU B 185 -10.82 6.32 -14.57
N PRO B 186 -11.76 5.65 -13.87
CA PRO B 186 -12.32 4.40 -14.42
C PRO B 186 -13.08 4.57 -15.74
N LEU B 187 -13.75 5.72 -15.94
CA LEU B 187 -14.51 6.00 -17.17
C LEU B 187 -13.54 6.26 -18.33
N LEU B 188 -12.39 6.90 -18.05
CA LEU B 188 -11.36 7.14 -19.07
C LEU B 188 -10.72 5.80 -19.48
N ILE B 189 -10.48 4.90 -18.50
CA ILE B 189 -9.94 3.56 -18.79
C ILE B 189 -10.98 2.76 -19.57
N MET B 190 -12.27 2.85 -19.18
CA MET B 190 -13.36 2.15 -19.87
C MET B 190 -13.48 2.57 -21.34
N VAL B 191 -13.44 3.87 -21.62
CA VAL B 191 -13.53 4.38 -22.99
C VAL B 191 -12.33 3.96 -23.86
N ILE B 192 -11.10 4.16 -23.35
CA ILE B 192 -9.89 3.82 -24.09
C ILE B 192 -9.77 2.31 -24.31
N CYS B 193 -10.10 1.49 -23.29
CA CYS B 193 -9.97 0.04 -23.38
C CYS B 193 -11.10 -0.65 -24.13
N TYR B 194 -12.37 -0.44 -23.74
CA TYR B 194 -13.49 -1.13 -24.40
C TYR B 194 -13.73 -0.64 -25.83
N SER B 195 -13.28 0.57 -26.22
CA SER B 195 -13.38 0.98 -27.63
C SER B 195 -12.35 0.15 -28.42
N GLY B 196 -11.16 -0.03 -27.85
CA GLY B 196 -10.10 -0.82 -28.46
C GLY B 196 -10.38 -2.31 -28.48
N ILE B 197 -11.00 -2.86 -27.41
CA ILE B 197 -11.34 -4.29 -27.35
C ILE B 197 -12.41 -4.62 -28.40
N LEU B 198 -13.42 -3.75 -28.58
CA LEU B 198 -14.47 -3.97 -29.60
C LEU B 198 -13.93 -3.70 -31.02
N LYS B 199 -12.93 -2.80 -31.20
CA LYS B 199 -12.29 -2.55 -32.50
C LYS B 199 -11.62 -3.84 -33.03
N THR B 200 -11.06 -4.65 -32.10
CA THR B 200 -10.39 -5.92 -32.42
C THR B 200 -11.38 -6.97 -32.95
N LEU B 201 -12.63 -6.94 -32.47
CA LEU B 201 -13.67 -7.89 -32.87
C LEU B 201 -14.38 -7.45 -34.17
N ASP B 264 -14.12 -13.74 -21.09
CA ASP B 264 -13.91 -13.03 -19.83
C ASP B 264 -14.27 -11.54 -19.89
N VAL B 265 -14.26 -10.93 -21.10
CA VAL B 265 -14.62 -9.51 -21.28
C VAL B 265 -16.04 -9.20 -20.80
N ARG B 266 -17.02 -10.12 -21.00
CA ARG B 266 -18.40 -9.92 -20.57
C ARG B 266 -18.49 -9.71 -19.06
N VAL B 267 -17.78 -10.57 -18.30
CA VAL B 267 -17.75 -10.52 -16.84
C VAL B 267 -17.08 -9.21 -16.38
N ILE B 268 -15.84 -8.96 -16.82
CA ILE B 268 -15.08 -7.77 -16.42
C ILE B 268 -15.77 -6.47 -16.91
N PHE B 269 -16.52 -6.50 -18.04
CA PHE B 269 -17.24 -5.33 -18.52
C PHE B 269 -18.45 -5.07 -17.61
N THR B 270 -19.29 -6.10 -17.35
CA THR B 270 -20.46 -5.99 -16.46
C THR B 270 -20.07 -5.51 -15.07
N ILE B 271 -18.93 -6.00 -14.54
CA ILE B 271 -18.40 -5.62 -13.23
C ILE B 271 -18.13 -4.10 -13.18
N MET B 272 -17.58 -3.50 -14.25
CA MET B 272 -17.34 -2.05 -14.28
C MET B 272 -18.65 -1.28 -14.50
N ILE B 273 -19.54 -1.79 -15.37
CA ILE B 273 -20.82 -1.11 -15.63
C ILE B 273 -21.68 -1.09 -14.37
N VAL B 274 -21.80 -2.23 -13.68
CA VAL B 274 -22.59 -2.31 -12.45
C VAL B 274 -21.96 -1.43 -11.35
N TYR B 275 -20.62 -1.29 -11.33
CA TYR B 275 -19.97 -0.40 -10.36
C TYR B 275 -20.43 1.05 -10.60
N PHE B 276 -20.43 1.50 -11.86
CA PHE B 276 -20.87 2.87 -12.20
C PHE B 276 -22.32 3.11 -11.82
N LEU B 277 -23.20 2.13 -12.09
CA LEU B 277 -24.62 2.24 -11.76
C LEU B 277 -24.84 2.46 -10.25
N PHE B 278 -24.12 1.70 -9.41
CA PHE B 278 -24.27 1.78 -7.95
C PHE B 278 -23.58 2.97 -7.28
N TRP B 279 -22.41 3.42 -7.79
CA TRP B 279 -21.64 4.51 -7.15
C TRP B 279 -21.65 5.88 -7.85
N THR B 280 -21.94 5.99 -9.16
CA THR B 280 -21.93 7.30 -9.80
C THR B 280 -22.96 8.27 -9.22
N PRO B 281 -24.20 7.83 -8.88
CA PRO B 281 -25.16 8.79 -8.28
C PRO B 281 -24.61 9.50 -7.04
N TYR B 282 -23.97 8.76 -6.12
CA TYR B 282 -23.37 9.35 -4.91
C TYR B 282 -22.22 10.29 -5.25
N ASN B 283 -21.32 9.88 -6.15
CA ASN B 283 -20.17 10.71 -6.55
C ASN B 283 -20.63 12.06 -7.15
N ILE B 284 -21.70 12.06 -7.97
CA ILE B 284 -22.24 13.29 -8.56
C ILE B 284 -22.97 14.12 -7.50
N VAL B 285 -23.71 13.47 -6.57
CA VAL B 285 -24.43 14.18 -5.52
C VAL B 285 -23.45 14.91 -4.58
N ILE B 286 -22.33 14.28 -4.18
CA ILE B 286 -21.34 14.98 -3.33
C ILE B 286 -20.66 16.13 -4.12
N LEU B 287 -20.45 15.96 -5.45
CA LEU B 287 -19.89 17.01 -6.31
C LEU B 287 -20.86 18.22 -6.33
N LEU B 288 -22.16 17.95 -6.56
CA LEU B 288 -23.20 18.98 -6.55
C LEU B 288 -23.38 19.63 -5.17
N ASN B 289 -23.34 18.84 -4.10
CA ASN B 289 -23.49 19.34 -2.73
C ASN B 289 -22.27 20.13 -2.24
N THR B 290 -21.06 19.82 -2.74
CA THR B 290 -19.85 20.52 -2.34
C THR B 290 -19.71 21.86 -3.06
N PHE B 291 -19.83 21.87 -4.40
CA PHE B 291 -19.67 23.07 -5.22
C PHE B 291 -21.03 23.62 -5.66
N GLN B 292 -21.93 23.85 -4.68
CA GLN B 292 -23.29 24.38 -4.89
C GLN B 292 -23.32 25.70 -5.66
N GLU B 293 -22.39 26.60 -5.35
CA GLU B 293 -22.30 27.90 -6.03
C GLU B 293 -21.91 27.77 -7.50
N PHE B 294 -21.05 26.80 -7.85
CA PHE B 294 -20.63 26.55 -9.23
C PHE B 294 -21.79 25.98 -10.07
N PHE B 295 -22.60 25.07 -9.48
CA PHE B 295 -23.75 24.47 -10.17
C PHE B 295 -25.03 25.32 -10.06
N GLY B 296 -25.07 26.30 -9.15
CA GLY B 296 -26.22 27.17 -8.96
C GLY B 296 -27.31 26.52 -8.13
N LEU B 297 -26.90 25.78 -7.10
CA LEU B 297 -27.77 25.05 -6.18
C LEU B 297 -27.50 25.53 -4.73
N SER B 298 -27.05 26.80 -4.57
CA SER B 298 -26.71 27.39 -3.26
C SER B 298 -27.95 27.80 -2.42
N ASN B 299 -29.18 27.76 -2.98
CA ASN B 299 -30.39 28.09 -2.21
C ASN B 299 -30.65 27.09 -1.05
N CYS B 300 -31.49 27.49 -0.09
CA CYS B 300 -31.80 26.69 1.11
C CYS B 300 -32.54 25.38 0.83
N GLU B 301 -33.52 25.40 -0.08
CA GLU B 301 -34.35 24.21 -0.37
C GLU B 301 -33.53 23.11 -1.06
N SER B 302 -32.71 23.47 -2.06
CA SER B 302 -31.91 22.48 -2.80
C SER B 302 -30.78 21.89 -1.97
N THR B 303 -30.31 22.59 -0.92
CA THR B 303 -29.25 22.10 -0.03
C THR B 303 -29.81 20.92 0.78
N SER B 304 -31.05 21.08 1.30
CA SER B 304 -31.78 20.03 2.03
C SER B 304 -32.02 18.82 1.15
N GLN B 305 -32.35 19.03 -0.15
CA GLN B 305 -32.57 17.93 -1.11
C GLN B 305 -31.26 17.17 -1.37
N LEU B 306 -30.15 17.91 -1.53
CA LEU B 306 -28.82 17.34 -1.75
C LEU B 306 -28.31 16.57 -0.50
N ASP B 307 -28.69 17.00 0.71
CA ASP B 307 -28.33 16.28 1.95
C ASP B 307 -29.09 14.96 2.00
N GLN B 308 -30.39 14.96 1.65
CA GLN B 308 -31.20 13.74 1.60
C GLN B 308 -30.71 12.82 0.48
N ALA B 309 -30.35 13.40 -0.68
CA ALA B 309 -29.84 12.63 -1.81
C ALA B 309 -28.51 11.97 -1.45
N THR B 310 -27.62 12.68 -0.71
CA THR B 310 -26.33 12.11 -0.27
C THR B 310 -26.58 10.85 0.57
N GLN B 311 -27.58 10.90 1.46
CA GLN B 311 -27.93 9.78 2.32
C GLN B 311 -28.53 8.63 1.51
N VAL B 312 -29.47 8.92 0.59
CA VAL B 312 -30.11 7.89 -0.25
C VAL B 312 -29.10 7.24 -1.20
N THR B 313 -28.32 8.04 -1.95
CA THR B 313 -27.33 7.51 -2.90
C THR B 313 -26.17 6.76 -2.20
N GLU B 314 -25.84 7.09 -0.94
CA GLU B 314 -24.82 6.36 -0.21
C GLU B 314 -25.30 4.94 0.09
N THR B 315 -26.59 4.77 0.45
CA THR B 315 -27.16 3.43 0.70
C THR B 315 -27.06 2.59 -0.56
N LEU B 316 -27.39 3.16 -1.75
CA LEU B 316 -27.27 2.43 -3.02
C LEU B 316 -25.84 1.93 -3.20
N GLY B 317 -24.87 2.84 -3.12
CA GLY B 317 -23.46 2.52 -3.23
C GLY B 317 -23.01 1.46 -2.24
N MET B 318 -23.49 1.54 -0.98
CA MET B 318 -23.13 0.57 0.06
C MET B 318 -23.65 -0.84 -0.18
N THR B 319 -24.74 -1.00 -0.96
CA THR B 319 -25.25 -2.34 -1.30
C THR B 319 -24.42 -3.01 -2.43
N HIS B 320 -23.50 -2.26 -3.08
CA HIS B 320 -22.67 -2.78 -4.18
C HIS B 320 -21.71 -3.90 -3.78
N CYS B 321 -21.18 -3.88 -2.54
CA CYS B 321 -20.19 -4.85 -2.05
C CYS B 321 -20.65 -6.33 -2.14
N CYS B 322 -21.95 -6.61 -2.29
CA CYS B 322 -22.47 -7.99 -2.43
C CYS B 322 -22.83 -8.36 -3.89
N ILE B 323 -22.56 -7.48 -4.89
CA ILE B 323 -23.01 -7.67 -6.26
C ILE B 323 -22.05 -8.46 -7.17
N ASN B 324 -20.72 -8.35 -6.99
CA ASN B 324 -19.79 -9.08 -7.87
C ASN B 324 -20.03 -10.59 -7.86
N PRO B 325 -20.21 -11.26 -6.70
CA PRO B 325 -20.53 -12.69 -6.72
C PRO B 325 -21.82 -13.06 -7.48
N ILE B 326 -22.81 -12.14 -7.53
CA ILE B 326 -24.06 -12.35 -8.28
C ILE B 326 -23.79 -12.24 -9.80
N ILE B 327 -22.97 -11.26 -10.23
CA ILE B 327 -22.59 -11.09 -11.65
C ILE B 327 -21.87 -12.33 -12.16
N TYR B 328 -20.96 -12.92 -11.34
CA TYR B 328 -20.21 -14.11 -11.73
C TYR B 328 -21.14 -15.30 -11.93
N ALA B 329 -22.18 -15.44 -11.09
CA ALA B 329 -23.15 -16.53 -11.19
C ALA B 329 -23.97 -16.43 -12.49
N PHE B 330 -24.49 -15.22 -12.81
CA PHE B 330 -25.31 -15.02 -14.00
C PHE B 330 -24.50 -14.88 -15.30
N VAL B 331 -23.49 -13.99 -15.34
CA VAL B 331 -22.71 -13.75 -16.57
C VAL B 331 -21.70 -14.87 -16.80
ZN ZN C . 12.54 -24.16 -38.97
C1 OLA D . -4.12 6.42 18.72
O1 OLA D . -3.33 6.78 19.59
O2 OLA D . -5.36 6.10 18.97
C2 OLA D . -3.74 6.30 17.27
C3 OLA D . -3.21 4.94 16.86
C4 OLA D . -2.92 4.82 15.37
C5 OLA D . -2.47 3.43 14.93
C6 OLA D . -2.24 3.27 13.43
C7 OLA D . -1.90 1.85 13.00
C8 OLA D . -1.62 1.70 11.51
C9 OLA D . -1.32 0.28 11.11
C10 OLA D . -0.29 -0.14 10.38
C11 OLA D . 0.00 -1.56 10.01
C12 OLA D . 1.21 -2.14 10.75
C13 OLA D . 1.48 -3.62 10.46
HO2 OLA D . -5.59 6.18 19.93
H21 OLA D . -3.01 7.08 17.04
H22 OLA D . -4.61 6.56 16.67
H31 OLA D . -3.92 4.16 17.16
H32 OLA D . -2.31 4.72 17.42
H41 OLA D . -2.16 5.56 15.08
H42 OLA D . -3.80 5.11 14.80
H51 OLA D . -3.21 2.70 15.25
H52 OLA D . -1.56 3.16 15.47
H61 OLA D . -1.45 3.95 13.11
H62 OLA D . -3.12 3.62 12.88
H71 OLA D . -2.70 1.17 13.28
H72 OLA D . -1.02 1.50 13.56
H81 OLA D . -0.79 2.32 11.20
H82 OLA D . -2.47 2.08 10.93
H9 OLA D . -2.03 -0.45 11.49
H10 OLA D . 0.42 0.58 10.00
H111 OLA D . 0.15 -1.65 8.93
H112 OLA D . -0.89 -2.16 10.21
H121 OLA D . 1.08 -1.99 11.81
H122 OLA D . 2.10 -1.56 10.49
C1 OLA E . 5.18 -14.44 -1.63
O1 OLA E . 5.80 -15.26 -2.27
O2 OLA E . 4.63 -14.69 -0.47
C2 OLA E . 4.97 -13.03 -2.10
C3 OLA E . 5.72 -11.97 -1.29
C4 OLA E . 4.96 -11.48 -0.07
C5 OLA E . 3.88 -10.45 -0.39
C6 OLA E . 4.40 -9.03 -0.45
C7 OLA E . 4.40 -8.33 0.88
C8 OLA E . 3.03 -7.79 1.32
C9 OLA E . 3.07 -7.19 2.68
C10 OLA E . 2.13 -7.25 3.60
HO2 OLA E . 4.78 -15.62 -0.16
H21 OLA E . 3.90 -12.83 -2.09
H22 OLA E . 5.25 -12.96 -3.15
H31 OLA E . 5.96 -11.13 -1.94
H32 OLA E . 6.69 -12.36 -1.00
H41 OLA E . 5.65 -11.05 0.65
H42 OLA E . 4.51 -12.31 0.47
H51 OLA E . 3.09 -10.53 0.36
H52 OLA E . 3.40 -10.70 -1.32
H61 OLA E . 3.83 -8.45 -1.18
H62 OLA E . 5.41 -9.03 -0.86
H71 OLA E . 5.11 -7.51 0.88
H72 OLA E . 4.77 -9.01 1.66
H81 OLA E . 2.29 -8.59 1.32
H82 OLA E . 2.67 -7.08 0.58
H9 OLA E . 4.00 -6.64 2.90
C1 OLA F . 27.27 16.84 27.43
O1 OLA F . 26.63 17.78 27.86
O2 OLA F . 27.45 15.72 28.09
C2 OLA F . 27.93 16.85 26.09
C3 OLA F . 27.39 15.84 25.08
C4 OLA F . 28.10 15.90 23.74
C5 OLA F . 27.57 14.93 22.68
C6 OLA F . 27.67 13.45 23.05
C7 OLA F . 28.19 12.55 21.95
C8 OLA F . 27.25 12.35 20.75
C9 OLA F . 27.90 11.58 19.64
C10 OLA F . 27.33 11.02 18.59
C11 OLA F . 25.88 11.02 18.24
HO2 OLA F . 27.01 15.73 28.98
H21 OLA F . 29.00 16.70 26.24
H22 OLA F . 27.86 17.86 25.68
H31 OLA F . 26.32 15.99 24.97
H32 OLA F . 27.48 14.83 25.52
H41 OLA F . 29.16 15.72 23.88
H42 OLA F . 28.05 16.92 23.35
H51 OLA F . 28.08 15.10 21.74
H52 OLA F . 26.52 15.18 22.46
H61 OLA F . 26.69 13.09 23.36
H62 OLA F . 28.29 13.34 23.93
H71 OLA F . 28.46 11.58 22.35
H72 OLA F . 29.14 12.96 21.58
H81 OLA F . 26.92 13.31 20.36
H82 OLA F . 26.34 11.86 21.09
H9 OLA F . 28.99 11.50 19.75
H10 OLA F . 27.95 10.49 17.86
C1 OLA G . 24.74 22.29 20.99
O1 OLA G . 23.57 22.60 20.84
O2 OLA G . 25.62 23.05 21.60
C2 OLA G . 25.30 20.98 20.52
C3 OLA G . 24.84 19.77 21.33
C4 OLA G . 25.89 18.67 21.44
C5 OLA G . 26.01 17.78 20.21
C6 OLA G . 26.93 18.32 19.12
C7 OLA G . 27.94 17.33 18.56
C8 OLA G . 27.43 16.46 17.40
C9 OLA G . 27.85 15.03 17.51
C10 OLA G . 27.94 14.12 16.55
C11 OLA G . 27.69 14.28 15.07
C12 OLA G . 28.74 13.59 14.19
C13 OLA G . 28.90 12.08 14.44
C14 OLA G . 29.83 11.37 13.47
C15 OLA G . 29.96 9.88 13.77
C16 OLA G . 30.56 9.06 12.64
C17 OLA G . 30.73 7.58 12.99
C18 OLA G . 31.27 6.75 11.84
HO2 OLA G . 25.23 23.91 21.91
H21 OLA G . 26.39 21.06 20.51
H22 OLA G . 25.04 20.85 19.47
H31 OLA G . 23.93 19.39 20.89
H32 OLA G . 24.54 20.10 22.33
H41 OLA G . 25.67 18.05 22.31
H42 OLA G . 26.85 19.10 21.68
H51 OLA G . 25.02 17.59 19.80
H52 OLA G . 26.35 16.80 20.53
H61 OLA G . 27.45 19.21 19.47
H62 OLA G . 26.32 18.71 18.29
H71 OLA G . 28.30 16.70 19.38
H72 OLA G . 28.82 17.87 18.24
H81 OLA G . 27.83 16.86 16.47
H82 OLA G . 26.35 16.56 17.30
H9 OLA G . 28.08 14.71 18.53
H10 OLA G . 28.19 13.10 16.86
H111 OLA G . 27.63 15.33 14.80
H112 OLA G . 26.70 13.89 14.86
H121 OLA G . 29.69 14.09 14.30
H122 OLA G . 28.47 13.75 13.14
H131 OLA G . 27.93 11.60 14.44
H132 OLA G . 29.29 11.92 15.45
H141 OLA G . 30.81 11.83 13.51
H142 OLA G . 29.51 11.53 12.45
H151 OLA G . 28.98 9.47 14.03
H152 OLA G . 30.55 9.73 14.67
H161 OLA G . 31.52 9.47 12.34
H162 OLA G . 29.94 9.14 11.75
H171 OLA G . 29.79 7.17 13.33
H172 OLA G . 31.40 7.49 13.85
H181 OLA G . 31.39 5.71 12.13
H182 OLA G . 32.23 7.10 11.48
H183 OLA G . 30.59 6.75 10.98
C1 OLA H . -7.63 3.87 22.03
O1 OLA H . -8.04 4.96 21.70
O2 OLA H . -8.22 3.11 22.91
C2 OLA H . -6.40 3.24 21.45
C3 OLA H . -6.67 2.08 20.51
C4 OLA H . -5.44 1.25 20.17
C5 OLA H . -4.40 1.97 19.32
C6 OLA H . -4.05 1.26 18.01
C7 OLA H . -3.39 -0.11 18.18
C8 OLA H . -1.87 -0.09 17.97
C9 OLA H . -1.49 -0.07 16.52
C10 OLA H . -1.00 -1.05 15.80
C11 OLA H . -0.72 -2.46 16.25
C12 OLA H . -1.92 -3.39 16.14
C13 OLA H . -1.65 -4.82 16.58
HO2 OLA H . -9.04 3.53 23.28
H21 OLA H . -5.76 2.92 22.26
H22 OLA H . -5.82 4.02 20.93
H31 OLA H . -7.14 2.44 19.60
H32 OLA H . -7.43 1.44 20.96
H41 OLA H . -5.75 0.33 19.68
H42 OLA H . -4.97 0.92 21.09
H51 OLA H . -3.48 2.11 19.89
H52 OLA H . -4.73 2.99 19.09
H61 OLA H . -3.38 1.91 17.43
H62 OLA H . -4.93 1.18 17.38
H71 OLA H . -3.83 -0.81 17.48
H72 OLA H . -3.61 -0.52 19.16
H81 OLA H . -1.42 -0.93 18.48
H82 OLA H . -1.46 0.79 18.47
H9 OLA H . -1.64 0.91 16.05
H10 OLA H . -0.76 -0.88 14.75
H111 OLA H . -0.33 -2.47 17.28
H112 OLA H . 0.11 -2.84 15.66
H121 OLA H . -2.27 -3.39 15.10
H122 OLA H . -2.75 -2.98 16.70
C1 OLA I . -5.12 5.54 25.77
O1 OLA I . -6.19 5.52 25.18
O2 OLA I . -5.01 5.77 27.06
C2 OLA I . -3.80 5.29 25.08
C3 OLA I . -3.83 4.15 24.08
C4 OLA I . -2.49 3.43 23.91
C5 OLA I . -2.53 2.32 22.86
C6 OLA I . -1.35 1.36 22.87
C7 OLA I . -1.41 0.37 21.72
C8 OLA I . -0.14 -0.48 21.52
C9 OLA I . 0.98 0.29 20.86
C10 OLA I . 1.85 -0.15 19.97
C11 OLA I . 1.98 -1.54 19.41
C12 OLA I . 2.73 -1.58 18.06
C13 OLA I . 3.50 -2.87 17.82
C14 OLA I . 2.62 -4.08 17.49
C15 OLA I . 3.02 -4.80 16.20
C16 OLA I . 4.34 -5.53 16.28
C17 OLA I . 4.68 -6.33 15.04
C18 OLA I . 5.95 -7.13 15.19
HO2 OLA I . -5.88 5.94 27.49
H21 OLA I . -3.04 5.11 25.84
H22 OLA I . -3.49 6.20 24.60
H31 OLA I . -4.16 4.53 23.11
H32 OLA I . -4.60 3.43 24.35
H41 OLA I . -2.18 3.01 24.87
H42 OLA I . -1.72 4.15 23.67
H51 OLA I . -2.61 2.79 21.88
H52 OLA I . -3.46 1.76 22.97
H61 OLA I . -1.33 0.83 23.82
H62 OLA I . -0.42 1.92 22.86
H71 OLA I . -1.63 0.90 20.79
H72 OLA I . -2.25 -0.30 21.86
H81 OLA I . -0.39 -1.35 20.90
H82 OLA I . 0.17 -0.89 22.47
H9 OLA I . 1.05 1.33 21.20
H10 OLA I . 2.58 0.55 19.58
H111 OLA I . 1.00 -1.99 19.27
H112 OLA I . 2.48 -2.17 20.14
H121 OLA I . 3.41 -0.73 17.98
H122 OLA I . 2.02 -1.43 17.26
H131 OLA I . 4.12 -3.11 18.68
H132 OLA I . 4.21 -2.71 17.01
H141 OLA I . 1.58 -3.77 17.43
H142 OLA I . 2.64 -4.78 18.32
H151 OLA I . 3.04 -4.08 15.39
H152 OLA I . 2.22 -5.50 15.93
H161 OLA I . 4.33 -6.19 17.14
H162 OLA I . 5.14 -4.82 16.49
H171 OLA I . 4.76 -5.66 14.19
H172 OLA I . 3.85 -6.99 14.78
H181 OLA I . 6.14 -7.73 14.30
H182 OLA I . 5.91 -7.82 16.03
H183 OLA I . 6.83 -6.50 15.34
C1 OLA J . 0.41 26.79 6.78
O1 OLA J . 1.03 26.97 7.81
O2 OLA J . -0.90 26.88 6.69
C2 OLA J . 1.08 26.45 5.48
C3 OLA J . 2.51 25.95 5.57
C4 OLA J . 2.64 24.50 6.03
C5 OLA J . 2.37 23.48 4.93
C6 OLA J . 2.68 22.04 5.33
C7 OLA J . 2.43 21.02 4.23
HO2 OLA J . -1.32 27.10 7.56
H21 OLA J . 1.03 27.33 4.84
H22 OLA J . 0.46 25.71 4.95
H31 OLA J . 3.09 26.60 6.23
H32 OLA J . 3.00 26.07 4.60
H41 OLA J . 1.97 24.32 6.86
H42 OLA J . 3.64 24.33 6.43
H51 OLA J . 2.94 23.74 4.04
H52 OLA J . 1.33 23.55 4.62
H61 OLA J . 2.11 21.78 6.21
H62 OLA J . 3.72 21.98 5.65
C1 OLA K . 13.19 26.36 9.29
O1 OLA K . 12.84 27.24 10.04
O2 OLA K . 12.38 25.71 8.49
C2 OLA K . 14.64 25.92 9.16
C3 OLA K . 15.39 25.69 10.45
C4 OLA K . 16.88 25.43 10.19
C5 OLA K . 17.18 24.05 9.59
C6 OLA K . 18.24 24.03 8.49
C7 OLA K . 19.63 23.60 8.93
C8 OLA K . 19.89 22.10 8.81
C9 OLA K . 21.32 21.72 9.06
HO2 OLA K . 11.44 26.01 8.59
H21 OLA K . 15.16 26.68 8.59
H22 OLA K . 14.67 25.03 8.53
H31 OLA K . 14.95 24.86 10.99
H32 OLA K . 15.27 26.55 11.11
H41 OLA K . 17.45 25.54 11.11
H42 OLA K . 17.28 26.21 9.56
H51 OLA K . 16.26 23.61 9.20
H52 OLA K . 17.48 23.37 10.39
H61 OLA K . 18.30 25.00 8.01
H62 OLA K . 17.90 23.37 7.69
H71 OLA K . 19.83 23.93 9.94
H72 OLA K . 20.37 24.13 8.33
H81 OLA K . 19.62 21.76 7.81
H82 OLA K . 19.22 21.55 9.47
C4 OLA L . 27.86 17.96 7.30
C5 OLA L . 26.70 18.70 7.93
C6 OLA L . 25.59 17.82 8.46
C7 OLA L . 24.39 18.60 8.99
C8 OLA L . 23.07 18.31 8.27
C9 OLA L . 23.12 18.63 6.81
C10 OLA L . 22.33 18.18 5.87
C11 OLA L . 21.29 17.11 5.98
C12 OLA L . 19.92 17.67 6.32
C13 OLA L . 18.87 16.59 6.55
C14 OLA L . 18.32 16.60 7.96
C15 OLA L . 17.18 15.62 8.20
C16 OLA L . 16.26 16.05 9.33
C17 OLA L . 15.19 15.03 9.65
C18 OLA L . 15.71 13.94 10.50
H51 OLA L . 26.28 19.39 7.20
H52 OLA L . 27.06 19.35 8.72
H61 OLA L . 25.99 17.19 9.26
H62 OLA L . 25.27 17.11 7.71
H71 OLA L . 24.59 19.67 8.93
H72 OLA L . 24.27 18.41 10.06
H81 OLA L . 22.26 18.90 8.72
H82 OLA L . 22.78 17.28 8.44
H9 OLA L . 23.98 19.23 6.53
H10 OLA L . 22.35 18.66 4.89
H111 OLA L . 21.58 16.35 6.72
H112 OLA L . 21.25 16.57 5.04
H121 OLA L . 19.60 18.34 5.53
H122 OLA L . 20.01 18.30 7.20
H131 OLA L . 19.28 15.61 6.31
H132 OLA L . 18.07 16.72 5.83
H141 OLA L . 17.99 17.60 8.23
H142 OLA L . 19.13 16.38 8.65
H151 OLA L . 17.59 14.63 8.42
H152 OLA L . 16.62 15.47 7.30
H161 OLA L . 15.80 17.01 9.11
H162 OLA L . 16.85 16.25 10.23
H171 OLA L . 14.79 14.61 8.73
H172 OLA L . 14.34 15.51 10.13
H181 OLA L . 14.93 13.26 10.83
H182 OLA L . 16.19 14.34 11.40
H183 OLA L . 16.47 13.36 10.00
C1 OLA M . -5.70 27.03 5.94
O1 OLA M . -6.10 27.95 5.26
O2 OLA M . -5.11 27.21 7.11
C2 OLA M . -5.86 25.59 5.55
C3 OLA M . -6.25 25.36 4.09
C4 OLA M . -6.23 23.89 3.70
C5 OLA M . -6.35 23.62 2.21
C6 OLA M . -6.20 22.15 1.87
C7 OLA M . -5.80 21.84 0.44
C8 OLA M . -5.36 20.40 0.23
C9 OLA M . -4.70 20.18 -1.11
C10 OLA M . -3.77 19.29 -1.43
C11 OLA M . -3.13 18.26 -0.53
HO2 OLA M . -4.85 26.37 7.57
H21 OLA M . -6.59 25.12 6.21
H22 OLA M . -4.93 25.06 5.74
H31 OLA M . -5.60 25.93 3.43
H32 OLA M . -7.25 25.77 3.91
H41 OLA M . -7.01 23.34 4.23
H42 OLA M . -5.31 23.45 4.08
H51 OLA M . -5.59 24.19 1.68
H52 OLA M . -7.30 23.99 1.84
H61 OLA M . -7.13 21.62 2.10
H62 OLA M . -5.47 21.69 2.54
H71 OLA M . -4.99 22.52 0.13
H72 OLA M . -6.63 22.08 -0.24
H81 OLA M . -6.22 19.73 0.29
H82 OLA M . -4.70 20.10 1.04
H9 OLA M . -5.06 20.86 -1.89
H10 OLA M . -3.39 19.25 -2.45
C1 OLA N . -6.66 13.30 14.69
O1 OLA N . -7.57 14.07 14.44
O2 OLA N . -6.27 13.00 15.90
C2 OLA N . -5.86 12.61 13.61
C3 OLA N . -6.20 11.14 13.38
C4 OLA N . -5.36 10.19 14.22
C5 OLA N . -4.04 9.80 13.57
C6 OLA N . -4.12 8.57 12.69
C7 OLA N . -3.23 8.66 11.45
C8 OLA N . -2.98 7.33 10.75
C9 OLA N . -2.13 7.50 9.52
C10 OLA N . -1.84 6.57 8.63
C11 OLA N . -2.27 5.15 8.63
C12 OLA N . -2.34 4.57 7.23
C13 OLA N . -0.99 4.21 6.63
C14 OLA N . -0.64 2.74 6.76
C15 OLA N . 0.63 2.30 6.07
C16 OLA N . 0.69 2.53 4.57
C17 OLA N . 1.14 1.32 3.77
C18 OLA N . 0.08 0.24 3.66
HO2 OLA N . -6.80 13.47 16.59
H21 OLA N . -4.80 12.70 13.87
H22 OLA N . -5.96 13.18 12.69
H31 OLA N . -6.09 10.91 12.32
H32 OLA N . -7.27 10.99 13.58
H41 OLA N . -5.94 9.29 14.44
H42 OLA N . -5.18 10.63 15.19
H51 OLA N . -3.30 9.65 14.36
H52 OLA N . -3.67 10.64 13.00
H61 OLA N . -5.14 8.37 12.40
H62 OLA N . -3.83 7.69 13.26
H71 OLA N . -2.29 9.13 11.69
H72 OLA N . -3.70 9.34 10.74
H81 OLA N . -3.90 6.85 10.47
H82 OLA N . -2.50 6.63 11.44
H9 OLA N . -1.74 8.51 9.39
H10 OLA N . -1.23 6.84 7.76
H111 OLA N . -3.24 5.03 9.12
H112 OLA N . -1.57 4.58 9.24
H121 OLA N . -2.85 5.27 6.57
H122 OLA N . -2.98 3.70 7.23
H131 OLA N . -0.20 4.81 7.10
H132 OLA N . -0.96 4.52 5.59
H141 OLA N . -1.48 2.14 6.37
H142 OLA N . -0.59 2.47 7.81
H151 OLA N . 0.77 1.24 6.28
H152 OLA N . 1.49 2.77 6.55
H161 OLA N . 1.34 3.37 4.34
H162 OLA N . -0.29 2.84 4.20
H171 OLA N . 2.05 0.90 4.19
H172 OLA N . 1.43 1.63 2.77
H181 OLA N . 0.48 -0.68 3.23
H182 OLA N . -0.76 0.53 3.02
H183 OLA N . -0.36 -0.02 4.62
C4 F7N O . 13.85 10.15 18.24
C5 F7N O . 12.66 10.05 19.17
C6 F7N O . 12.91 8.93 20.19
C8 F7N O . 14.90 10.43 22.82
C10 F7N O . 7.47 7.63 24.02
C13 F7N O . 5.61 5.56 23.77
C17 F7N O . 3.52 4.58 24.50
C20 F7N O . 11.66 5.83 23.14
C21 F7N O . 10.41 6.52 23.72
C22 F7N O . 10.55 7.94 23.12
C24 F7N O . 9.13 5.84 23.20
C26 F7N O . 10.16 5.10 25.89
C1 F7N O . 14.24 9.15 20.89
C11 F7N O . 6.64 7.35 25.26
C12 F7N O . 6.74 5.69 22.78
C14 F7N O . 5.55 6.36 24.95
C16 F7N O . 3.56 5.38 25.62
C18 F7N O . 4.56 4.67 23.58
C19 F7N O . 11.90 6.50 21.77
C2 F7N O . 15.35 9.28 19.87
C23 F7N O . 11.82 7.93 22.29
C25 F7N O . 10.40 6.51 25.32
C27 F7N O . 11.63 7.11 26.01
C29 F7N O . 2.40 3.61 24.29
F30 F7N O . 2.17 3.34 23.00
F31 F7N O . 2.63 2.45 24.88
F32 F7N O . 1.25 4.04 24.76
N15 F7N O . 4.55 6.26 25.86
N33 F7N O . 11.79 8.95 21.19
N9 F7N O . 7.90 6.39 23.37
O28 F7N O . 9.23 4.79 22.59
O3 F7N O . 15.07 10.37 18.97
O7 F7N O . 14.12 10.37 21.63
H37 F7N O . 14.03 9.23 17.70
H38 F7N O . 13.70 10.93 17.50
H39 F7N O . 11.77 9.87 18.58
H40 F7N O . 12.50 11.01 19.66
H41 F7N O . 12.94 7.97 19.68
H42 F7N O . 14.97 11.42 23.26
H43 F7N O . 15.90 10.13 22.52
H44 F7N O . 14.53 9.73 23.58
H45 F7N O . 6.87 8.19 23.29
H46 F7N O . 8.26 8.33 24.28
H55 F7N O . 12.55 5.94 23.77
H56 F7N O . 11.58 4.76 23.00
H58 F7N O . 9.69 8.23 22.52
H57 F7N O . 10.59 8.72 23.88
H62 F7N O . 10.69 4.33 25.35
H63 F7N O . 9.10 4.84 25.87
H61 F7N O . 10.46 5.02 26.94
H34 F7N O . 14.47 8.31 21.54
H47 F7N O . 6.19 8.26 25.65
H48 F7N O . 7.27 6.98 26.06
H49 F7N O . 6.90 4.71 22.35
H50 F7N O . 6.36 6.30 21.96
H51 F7N O . 2.80 5.37 26.39
H52 F7N O . 4.55 4.06 22.69
H53 F7N O . 11.14 6.23 21.05
H54 F7N O . 12.86 6.23 21.32
H36 F7N O . 16.33 9.39 20.35
H35 F7N O . 15.44 8.41 19.23
H59 F7N O . 12.66 8.14 22.94
H60 F7N O . 9.54 7.08 25.71
H65 F7N O . 11.88 8.10 25.62
H66 F7N O . 12.53 6.51 25.91
H64 F7N O . 11.49 7.25 27.08
H67 F7N O . 10.92 8.87 20.69
H68 F7N O . 11.77 9.87 21.63
C1 OLA P . -30.76 16.88 -7.05
O1 OLA P . -30.32 17.72 -7.81
O2 OLA P . -31.44 17.18 -5.96
C2 OLA P . -30.62 15.40 -7.27
C3 OLA P . -29.57 15.00 -8.30
C4 OLA P . -29.51 13.50 -8.55
C5 OLA P . -28.55 13.09 -9.65
C6 OLA P . -28.60 11.62 -10.00
C7 OLA P . -27.66 11.23 -11.13
C8 OLA P . -27.73 9.75 -11.51
C9 OLA P . -26.84 9.39 -12.65
HO2 OLA P . -31.52 18.16 -5.83
H21 OLA P . -31.59 15.00 -7.55
H22 OLA P . -30.40 14.92 -6.31
H31 OLA P . -28.60 15.37 -7.98
H32 OLA P . -29.77 15.52 -9.24
H41 OLA P . -30.50 13.13 -8.77
H42 OLA P . -29.23 12.99 -7.63
H51 OLA P . -27.54 13.38 -9.37
H52 OLA P . -28.76 13.69 -10.55
H61 OLA P . -29.62 11.34 -10.27
H62 OLA P . -28.37 11.03 -9.12
H71 OLA P . -26.63 11.48 -10.87
H72 OLA P . -27.86 11.83 -12.02
H81 OLA P . -28.75 9.48 -11.77
H82 OLA P . -27.49 9.13 -10.64
C1 OLA Q . -34.36 13.43 -3.20
O1 OLA Q . -33.46 14.21 -2.91
O2 OLA Q . -35.63 13.74 -3.11
C2 OLA Q . -34.11 12.04 -3.71
C3 OLA Q . -32.91 11.92 -4.63
C4 OLA Q . -32.79 10.55 -5.29
C5 OLA Q . -31.63 10.44 -6.27
C6 OLA Q . -31.70 9.23 -7.18
C7 OLA Q . -31.53 7.89 -6.49
C8 OLA Q . -31.70 6.68 -7.40
C9 OLA Q . -30.64 6.56 -8.45
C10 OLA Q . -30.83 6.20 -9.71
C11 OLA Q . -29.77 6.08 -10.77
C12 OLA Q . -29.66 4.67 -11.37
C13 OLA Q . -29.13 3.61 -10.41
HO2 OLA Q . -35.79 14.66 -2.77
H21 OLA Q . -35.01 11.68 -4.21
H22 OLA Q . -34.00 11.37 -2.85
H31 OLA Q . -31.99 12.13 -4.06
H32 OLA Q . -32.94 12.70 -5.39
H41 OLA Q . -33.72 10.32 -5.81
H42 OLA Q . -32.71 9.78 -4.53
H51 OLA Q . -30.69 10.41 -5.70
H52 OLA Q . -31.56 11.34 -6.86
H61 OLA Q . -30.96 9.33 -7.97
H62 OLA Q . -32.65 9.23 -7.72
H71 OLA Q . -32.23 7.79 -5.66
H72 OLA Q . -30.55 7.84 -6.01
H81 OLA Q . -32.67 6.72 -7.91
H82 OLA Q . -31.75 5.76 -6.81
H9 OLA Q . -29.63 6.80 -8.10
H10 OLA Q . -31.83 5.96 -10.05
H111 OLA Q . -28.80 6.39 -10.38
H112 OLA Q . -29.99 6.80 -11.55
H121 OLA Q . -29.02 4.71 -12.25
H122 OLA Q . -30.63 4.37 -11.75
C1 OLA R . -10.52 -0.30 20.33
O1 OLA R . -10.79 -1.07 21.24
O2 OLA R . -11.21 0.78 20.08
C2 OLA R . -9.37 -0.50 19.40
C3 OLA R . -9.74 -0.88 17.97
C4 OLA R . -8.53 -1.25 17.12
C5 OLA R . -7.56 -0.10 16.88
C6 OLA R . -7.02 0.01 15.45
C7 OLA R . -6.19 -1.18 14.99
C8 OLA R . -5.53 -0.95 13.63
C9 OLA R . -4.47 -1.97 13.29
C10 OLA R . -4.55 -2.96 12.41
C11 OLA R . -5.71 -3.32 11.53
C12 OLA R . -5.57 -2.80 10.10
C13 OLA R . -6.65 -3.29 9.13
C14 OLA R . -6.57 -4.78 8.81
C15 OLA R . -7.35 -5.19 7.56
C16 OLA R . -7.30 -6.68 7.25
C17 OLA R . -8.54 -7.46 7.67
C18 OLA R . -8.80 -7.46 9.17
HO2 OLA R . -11.97 0.91 20.70
H21 OLA R . -8.71 -1.27 19.82
H22 OLA R . -8.76 0.40 19.39
H31 OLA R . -10.29 -0.06 17.51
H32 OLA R . -10.46 -1.71 17.99
H41 OLA R . -8.85 -1.68 16.17
H42 OLA R . -8.00 -2.07 17.60
H51 OLA R . -6.73 -0.20 17.57
H52 OLA R . -8.03 0.84 17.16
H61 OLA R . -6.43 0.92 15.38
H62 OLA R . -7.85 0.18 14.77
H71 OLA R . -6.81 -2.07 14.95
H72 OLA R . -5.43 -1.40 15.73
H81 OLA R . -5.06 0.03 13.62
H82 OLA R . -6.29 -0.89 12.85
H9 OLA R . -3.55 -1.83 13.86
H10 OLA R . -3.68 -3.60 12.27
H111 OLA R . -6.65 -2.98 11.95
H112 OLA R . -5.80 -4.41 11.53
H121 OLA R . -4.59 -3.07 9.71
H122 OLA R . -5.57 -1.71 10.11
H131 OLA R . -6.60 -2.72 8.21
H132 OLA R . -7.63 -3.06 9.54
H141 OLA R . -6.91 -5.36 9.66
H142 OLA R . -5.53 -5.07 8.69
H151 OLA R . -7.00 -4.63 6.70
H152 OLA R . -8.40 -4.90 7.67
H161 OLA R . -6.42 -7.12 7.72
H162 OLA R . -7.13 -6.82 6.18
H171 OLA R . -8.47 -8.49 7.31
H172 OLA R . -9.42 -7.06 7.16
H181 OLA R . -9.65 -8.09 9.42
H182 OLA R . -9.01 -6.47 9.55
H183 OLA R . -7.95 -7.85 9.74
C4 F7N S . -17.60 7.45 4.72
C5 F7N S . -19.02 7.87 4.98
C6 F7N S . -19.74 6.82 5.81
C8 F7N S . -18.78 7.43 9.28
C10 F7N S . -26.51 8.02 6.47
C13 F7N S . -28.62 6.86 5.06
C17 F7N S . -30.99 6.76 4.62
C20 F7N S . -23.36 4.65 7.21
C21 F7N S . -24.37 5.83 7.28
C22 F7N S . -23.43 7.04 7.04
C24 F7N S . -25.42 5.71 6.14
C26 F7N S . -26.12 4.73 8.85
C1 F7N S . -18.92 6.51 7.06
C11 F7N S . -27.86 8.03 7.17
C12 F7N S . -27.19 6.56 4.68
C14 F7N S . -28.95 7.56 6.25
C16 F7N S . -31.21 7.43 5.80
C18 F7N S . -29.69 6.46 4.26
C19 F7N S . -22.25 5.11 6.27
C2 F7N S . -17.51 6.12 6.66
C23 F7N S . -22.03 6.46 6.94
C25 F7N S . -25.13 5.90 8.69
C27 F7N S . -24.22 5.98 9.92
C29 F7N S . -32.13 6.32 3.75
F30 F7N S . -31.77 5.69 2.63
F31 F7N S . -32.97 5.49 4.38
F32 F7N S . -32.90 7.34 3.34
N15 F7N S . -30.21 7.83 6.61
N33 F7N S . -21.09 7.36 6.19
N9 F7N S . -26.27 6.71 5.83
O28 F7N S . -25.42 4.71 5.46
O3 F7N S . -16.90 7.19 5.93
O7 F7N S . -18.89 7.67 7.88
H37 F7N S . -17.53 6.53 4.15
H38 F7N S . -17.07 8.20 4.12
H39 F7N S . -19.51 8.05 4.03
H40 F7N S . -19.01 8.84 5.48
H41 F7N S . -19.86 5.92 5.23
H42 F7N S . -18.48 8.30 9.85
H43 F7N S . -18.00 6.67 9.38
H44 F7N S . -19.72 7.05 9.68
H45 F7N S . -26.48 8.77 5.70
H46 F7N S . -25.73 8.35 7.16
H55 F7N S . -22.95 4.39 8.19
H56 F7N S . -23.77 3.71 6.86
H58 F7N S . -23.72 7.62 6.16
H57 F7N S . -23.50 7.78 7.84
H62 F7N S . -25.77 3.80 8.43
H63 F7N S . -27.07 4.96 8.38
H61 F7N S . -26.35 4.55 9.90
H34 F7N S . -19.37 5.66 7.59
H47 F7N S . -28.11 9.02 7.54
H48 F7N S . -27.83 7.41 8.07
H49 F7N S . -27.16 5.61 4.15
H50 F7N S . -26.89 7.29 3.93
H51 F7N S . -32.21 7.69 6.15
H52 F7N S . -29.48 5.94 3.33
H53 F7N S . -22.57 5.17 5.24
H54 F7N S . -21.38 4.46 6.28
H36 F7N S . -16.92 5.83 7.53
H35 F7N S . -17.47 5.26 5.98
H59 F7N S . -21.62 6.32 7.94
H60 F7N S . -25.77 6.78 8.73
H65 F7N S . -23.48 6.77 9.85
H66 F7N S . -23.67 5.06 10.14
H64 F7N S . -24.78 6.20 10.83
H67 F7N S . -21.56 7.67 5.34
H68 F7N S . -20.95 8.20 6.75
#